data_8J2E
#
_entry.id   8J2E
#
_cell.length_a   98.252
_cell.length_b   128.020
_cell.length_c   73.870
_cell.angle_alpha   90.00
_cell.angle_beta   103.38
_cell.angle_gamma   90.00
#
_symmetry.space_group_name_H-M   'C 1 2 1'
#
loop_
_entity.id
_entity.type
_entity.pdbx_description
1 polymer 'Short-chain dehydrogenase/reductase SDR'
2 non-polymer 'NADP NICOTINAMIDE-ADENINE-DINUCLEOTIDE PHOSPHATE'
3 non-polymer 'MALONIC ACID'
4 water water
#
_entity_poly.entity_id   1
_entity_poly.type   'polypeptide(L)'
_entity_poly.pdbx_seq_one_letter_code
;GAMASATTGARSASVGWAESLIGLHLGKVALITGGSAGIGGQIGRLLALSGARVMLAARDRHKLEQMQAMIQSELAEVGY
TDVEDRVHIAPGCDVSSEAQLADLVERTLSAFGTVDYLINNAGIAGVEEMVIDMPVEGWRHTLFANLISNYSLMRKLAPL
MKKQGSGYILNVSSYFGGEKDAAIPYPNRADYAVSKAGQRAMAEVFARFLGPEIQINAIAPGPVEGDRLRGTGERPGLFA
RRARLILENKRLNELHAALIAAARTDERSMHELVELLLPNDVAALEQNPAAPTALRELARRFRSEGDPAASSSSALLNRS
IAAKLLARLHNGGYVLPADIFANLPNPPDPFFTRAQIDREARKVRDGIMGMLYLQRMPTEFDVAMATVYYLADRVVSGET
FHPSGGLRYERTPTGGELFGLPSPERLAELVGSTVYLIGEHLTEHLNLLARAYLERYGARQVVMIVETETGAETMRRLLH
DHVEAGRLMTIVAGDQIEAAIDQAITRYGRPGPVVCTPFRPLPTVPLVGRKDSDWSTVLSEAEFAELCEHQLTHHFRVAR
WIALSDGARLALVTPETTATSTTEQFALANFIKTTLHAFTATIGVESERTAQRILINQVDLTRRARAEEPRDPHERQQEL
ERFIEAVLLVTAPLPPEADTRYAGRIHRGRAITV
;
_entity_poly.pdbx_strand_id   A
#
loop_
_chem_comp.id
_chem_comp.type
_chem_comp.name
_chem_comp.formula
MLA non-polymer 'MALONIC ACID' 'C3 H4 O4'
NAP non-polymer 'NADP NICOTINAMIDE-ADENINE-DINUCLEOTIDE PHOSPHATE' 'C21 H28 N7 O17 P3'
#
# COMPACT_ATOMS: atom_id res chain seq x y z
N TRP A 17 -27.33 20.64 -22.24
CA TRP A 17 -25.98 20.31 -21.79
C TRP A 17 -25.47 18.97 -22.33
N ALA A 18 -26.39 18.01 -22.52
CA ALA A 18 -26.12 16.66 -23.00
C ALA A 18 -25.87 16.60 -24.52
N GLU A 19 -26.17 17.70 -25.26
CA GLU A 19 -25.99 17.79 -26.72
C GLU A 19 -24.54 17.69 -27.18
N SER A 20 -23.57 18.06 -26.31
CA SER A 20 -22.14 17.94 -26.61
C SER A 20 -21.70 16.46 -26.52
N LEU A 21 -22.52 15.63 -25.80
CA LEU A 21 -22.26 14.21 -25.58
C LEU A 21 -22.79 13.33 -26.72
N ILE A 22 -23.92 13.72 -27.36
CA ILE A 22 -24.56 12.98 -28.47
C ILE A 22 -23.54 12.52 -29.53
N GLY A 23 -23.48 11.21 -29.71
CA GLY A 23 -22.61 10.57 -30.70
C GLY A 23 -21.13 10.46 -30.35
N LEU A 24 -20.71 10.99 -29.16
CA LEU A 24 -19.31 11.00 -28.73
C LEU A 24 -18.73 9.61 -28.56
N HIS A 25 -19.54 8.68 -28.03
CA HIS A 25 -19.12 7.30 -27.80
C HIS A 25 -20.13 6.32 -28.41
N LEU A 26 -20.74 6.72 -29.54
CA LEU A 26 -21.72 5.92 -30.26
C LEU A 26 -21.09 4.67 -30.88
N GLY A 27 -21.72 3.53 -30.63
CA GLY A 27 -21.26 2.23 -31.11
C GLY A 27 -20.27 1.55 -30.19
N LYS A 28 -20.08 2.09 -28.97
CA LYS A 28 -19.15 1.53 -28.00
C LYS A 28 -19.86 0.76 -26.89
N VAL A 29 -19.23 -0.33 -26.42
CA VAL A 29 -19.70 -1.14 -25.29
C VAL A 29 -18.74 -0.84 -24.11
N ALA A 30 -19.29 -0.32 -23.00
CA ALA A 30 -18.49 -0.01 -21.82
C ALA A 30 -18.92 -0.81 -20.61
N LEU A 31 -17.93 -1.34 -19.90
CA LEU A 31 -18.14 -2.09 -18.65
C LEU A 31 -17.61 -1.21 -17.52
N ILE A 32 -18.50 -0.85 -16.57
CA ILE A 32 -18.11 0.02 -15.44
C ILE A 32 -18.28 -0.68 -14.09
N THR A 33 -17.17 -0.97 -13.41
CA THR A 33 -17.21 -1.53 -12.04
C THR A 33 -17.51 -0.37 -11.08
N GLY A 34 -18.23 -0.66 -9.99
CA GLY A 34 -18.69 0.37 -9.07
C GLY A 34 -19.61 1.36 -9.80
N GLY A 35 -20.44 0.84 -10.71
CA GLY A 35 -21.31 1.62 -11.57
C GLY A 35 -22.67 2.03 -11.06
N SER A 36 -23.01 1.69 -9.81
CA SER A 36 -24.32 2.01 -9.25
C SER A 36 -24.39 3.33 -8.48
N ALA A 37 -23.22 3.90 -8.11
CA ALA A 37 -23.14 5.17 -7.37
C ALA A 37 -21.77 5.83 -7.56
N GLY A 38 -21.60 6.99 -6.94
CA GLY A 38 -20.37 7.75 -6.97
C GLY A 38 -19.93 8.17 -8.36
N ILE A 39 -18.61 8.23 -8.58
CA ILE A 39 -17.97 8.59 -9.86
C ILE A 39 -18.35 7.59 -10.96
N GLY A 40 -18.38 6.31 -10.60
CA GLY A 40 -18.75 5.24 -11.54
C GLY A 40 -20.15 5.33 -12.10
N GLY A 41 -21.09 5.74 -11.23
CA GLY A 41 -22.49 5.93 -11.61
C GLY A 41 -22.61 7.03 -12.65
N GLN A 42 -21.89 8.14 -12.41
CA GLN A 42 -21.83 9.29 -13.32
C GLN A 42 -21.14 8.95 -14.63
N ILE A 43 -20.04 8.15 -14.60
CA ILE A 43 -19.33 7.72 -15.82
C ILE A 43 -20.27 6.91 -16.71
N GLY A 44 -20.89 5.88 -16.14
CA GLY A 44 -21.89 5.05 -16.84
C GLY A 44 -23.03 5.86 -17.42
N ARG A 45 -23.59 6.79 -16.62
CA ARG A 45 -24.66 7.70 -17.04
C ARG A 45 -24.22 8.55 -18.23
N LEU A 46 -23.03 9.16 -18.16
CA LEU A 46 -22.54 10.06 -19.21
C LEU A 46 -22.11 9.29 -20.45
N LEU A 47 -21.59 8.06 -20.28
CA LEU A 47 -21.23 7.20 -21.43
C LEU A 47 -22.50 6.79 -22.17
N ALA A 48 -23.59 6.51 -21.43
CA ALA A 48 -24.90 6.17 -22.01
C ALA A 48 -25.50 7.34 -22.83
N LEU A 49 -25.47 8.57 -22.27
CA LEU A 49 -25.91 9.78 -22.98
C LEU A 49 -25.06 10.03 -24.23
N SER A 50 -23.79 9.60 -24.22
CA SER A 50 -22.82 9.71 -25.32
C SER A 50 -23.06 8.73 -26.48
N GLY A 51 -23.95 7.76 -26.27
CA GLY A 51 -24.29 6.76 -27.27
C GLY A 51 -23.77 5.37 -27.01
N ALA A 52 -23.10 5.16 -25.85
CA ALA A 52 -22.56 3.85 -25.52
C ALA A 52 -23.57 2.93 -24.84
N ARG A 53 -23.41 1.60 -25.05
CA ARG A 53 -24.21 0.60 -24.34
C ARG A 53 -23.37 0.29 -23.08
N VAL A 54 -23.98 0.44 -21.89
CA VAL A 54 -23.23 0.30 -20.64
C VAL A 54 -23.70 -0.87 -19.75
N MET A 55 -22.74 -1.59 -19.14
CA MET A 55 -22.96 -2.66 -18.17
C MET A 55 -22.39 -2.10 -16.86
N LEU A 56 -23.27 -1.94 -15.85
CA LEU A 56 -22.95 -1.42 -14.53
C LEU A 56 -22.81 -2.60 -13.55
N ALA A 57 -21.63 -2.73 -12.94
CA ALA A 57 -21.29 -3.82 -12.01
C ALA A 57 -21.05 -3.32 -10.59
N ALA A 58 -21.68 -3.98 -9.60
CA ALA A 58 -21.55 -3.68 -8.17
C ALA A 58 -22.20 -4.82 -7.39
N ARG A 59 -22.23 -4.73 -6.06
CA ARG A 59 -22.78 -5.77 -5.19
C ARG A 59 -24.31 -5.68 -4.99
N ASP A 60 -24.80 -4.56 -4.42
CA ASP A 60 -26.24 -4.38 -4.14
C ASP A 60 -27.11 -4.23 -5.41
N ARG A 61 -28.16 -5.07 -5.50
CA ARG A 61 -29.09 -5.12 -6.61
C ARG A 61 -29.97 -3.87 -6.71
N HIS A 62 -30.54 -3.42 -5.58
CA HIS A 62 -31.45 -2.27 -5.51
C HIS A 62 -30.80 -0.99 -5.99
N LYS A 63 -29.58 -0.70 -5.49
CA LYS A 63 -28.81 0.48 -5.89
C LYS A 63 -28.58 0.47 -7.41
N LEU A 64 -28.22 -0.71 -7.98
CA LEU A 64 -28.00 -0.90 -9.43
C LEU A 64 -29.28 -0.67 -10.25
N GLU A 65 -30.42 -1.21 -9.78
CA GLU A 65 -31.73 -1.05 -10.43
C GLU A 65 -32.16 0.43 -10.44
N GLN A 66 -32.00 1.13 -9.29
CA GLN A 66 -32.30 2.56 -9.13
C GLN A 66 -31.52 3.39 -10.16
N MET A 67 -30.20 3.12 -10.29
CA MET A 67 -29.30 3.80 -11.22
C MET A 67 -29.67 3.50 -12.68
N GLN A 68 -29.96 2.21 -12.99
CA GLN A 68 -30.36 1.74 -14.32
C GLN A 68 -31.62 2.49 -14.79
N ALA A 69 -32.62 2.60 -13.88
CA ALA A 69 -33.91 3.28 -14.12
C ALA A 69 -33.70 4.76 -14.43
N MET A 70 -32.84 5.45 -13.64
CA MET A 70 -32.48 6.86 -13.79
C MET A 70 -31.84 7.17 -15.14
N ILE A 71 -30.92 6.31 -15.57
CA ILE A 71 -30.21 6.45 -16.84
C ILE A 71 -31.17 6.19 -18.01
N GLN A 72 -31.91 5.07 -17.95
CA GLN A 72 -32.91 4.72 -18.99
C GLN A 72 -33.93 5.84 -19.19
N SER A 73 -34.36 6.52 -18.09
CA SER A 73 -35.32 7.62 -18.13
C SER A 73 -34.75 8.84 -18.84
N GLU A 74 -33.50 9.21 -18.49
CA GLU A 74 -32.76 10.34 -19.10
C GLU A 74 -32.56 10.11 -20.59
N LEU A 75 -32.17 8.88 -20.96
CA LEU A 75 -31.96 8.45 -22.34
C LEU A 75 -33.24 8.63 -23.18
N ALA A 76 -34.43 8.28 -22.61
CA ALA A 76 -35.74 8.44 -23.24
C ALA A 76 -36.07 9.92 -23.42
N GLU A 77 -35.82 10.76 -22.39
CA GLU A 77 -36.05 12.22 -22.44
C GLU A 77 -35.22 12.88 -23.54
N VAL A 78 -33.99 12.37 -23.78
CA VAL A 78 -33.05 12.88 -24.76
C VAL A 78 -33.45 12.47 -26.19
N GLY A 79 -34.20 11.37 -26.32
CA GLY A 79 -34.71 10.91 -27.61
C GLY A 79 -34.38 9.50 -28.04
N TYR A 80 -33.59 8.77 -27.23
CA TYR A 80 -33.19 7.38 -27.51
C TYR A 80 -34.39 6.43 -27.47
N THR A 81 -34.31 5.33 -28.23
CA THR A 81 -35.34 4.29 -28.20
C THR A 81 -34.73 2.98 -27.68
N ASP A 82 -35.59 2.02 -27.26
CA ASP A 82 -35.20 0.71 -26.73
C ASP A 82 -34.11 0.93 -25.68
N VAL A 83 -34.44 1.76 -24.67
CA VAL A 83 -33.53 2.20 -23.59
C VAL A 83 -33.05 1.04 -22.71
N GLU A 84 -33.89 -0.02 -22.58
CA GLU A 84 -33.62 -1.23 -21.79
C GLU A 84 -32.43 -1.99 -22.33
N ASP A 85 -32.19 -1.89 -23.66
CA ASP A 85 -31.08 -2.54 -24.36
C ASP A 85 -29.76 -1.76 -24.24
N ARG A 86 -29.79 -0.53 -23.71
CA ARG A 86 -28.63 0.36 -23.64
C ARG A 86 -27.97 0.41 -22.27
N VAL A 87 -28.71 0.01 -21.22
CA VAL A 87 -28.24 0.04 -19.84
C VAL A 87 -28.58 -1.31 -19.16
N HIS A 88 -27.55 -2.13 -18.90
CA HIS A 88 -27.69 -3.42 -18.22
C HIS A 88 -26.98 -3.37 -16.87
N ILE A 89 -27.33 -4.30 -15.98
CA ILE A 89 -26.77 -4.37 -14.63
C ILE A 89 -26.23 -5.76 -14.31
N ALA A 90 -25.20 -5.81 -13.46
CA ALA A 90 -24.59 -7.06 -13.02
C ALA A 90 -24.50 -7.06 -11.47
N PRO A 91 -25.63 -7.38 -10.78
CA PRO A 91 -25.62 -7.39 -9.31
C PRO A 91 -24.85 -8.56 -8.73
N GLY A 92 -24.51 -8.45 -7.44
CA GLY A 92 -23.77 -9.48 -6.71
C GLY A 92 -22.34 -9.60 -7.18
N CYS A 93 -21.80 -8.52 -7.80
CA CYS A 93 -20.43 -8.49 -8.29
C CYS A 93 -19.47 -7.75 -7.35
N ASP A 94 -18.81 -8.50 -6.46
CA ASP A 94 -17.77 -8.00 -5.58
C ASP A 94 -16.48 -8.24 -6.37
N VAL A 95 -15.78 -7.14 -6.74
CA VAL A 95 -14.55 -7.14 -7.54
C VAL A 95 -13.37 -7.89 -6.86
N SER A 96 -13.42 -8.08 -5.53
CA SER A 96 -12.41 -8.82 -4.81
C SER A 96 -12.51 -10.36 -5.05
N SER A 97 -13.63 -10.82 -5.65
CA SER A 97 -13.85 -12.25 -5.95
C SER A 97 -13.59 -12.57 -7.42
N GLU A 98 -12.56 -13.38 -7.67
CA GLU A 98 -12.15 -13.79 -9.01
C GLU A 98 -13.28 -14.48 -9.77
N ALA A 99 -14.02 -15.41 -9.12
CA ALA A 99 -15.14 -16.12 -9.74
C ALA A 99 -16.21 -15.14 -10.19
N GLN A 100 -16.48 -14.12 -9.36
CA GLN A 100 -17.47 -13.09 -9.65
C GLN A 100 -17.05 -12.19 -10.83
N LEU A 101 -15.73 -12.06 -11.07
CA LEU A 101 -15.18 -11.30 -12.20
C LEU A 101 -15.34 -12.12 -13.50
N ALA A 102 -15.17 -13.47 -13.41
CA ALA A 102 -15.36 -14.37 -14.57
C ALA A 102 -16.83 -14.37 -14.98
N ASP A 103 -17.75 -14.25 -13.99
CA ASP A 103 -19.18 -14.25 -14.27
C ASP A 103 -19.60 -12.92 -14.88
N LEU A 104 -18.95 -11.83 -14.44
CA LEU A 104 -19.20 -10.49 -14.95
C LEU A 104 -18.99 -10.43 -16.46
N VAL A 105 -17.83 -10.93 -16.93
CA VAL A 105 -17.39 -10.97 -18.32
C VAL A 105 -18.33 -11.80 -19.17
N GLU A 106 -18.68 -13.01 -18.70
CA GLU A 106 -19.63 -13.87 -19.42
C GLU A 106 -20.98 -13.16 -19.57
N ARG A 107 -21.47 -12.55 -18.48
CA ARG A 107 -22.73 -11.81 -18.53
C ARG A 107 -22.65 -10.61 -19.49
N THR A 108 -21.54 -9.85 -19.46
CA THR A 108 -21.36 -8.67 -20.32
C THR A 108 -21.29 -9.04 -21.81
N LEU A 109 -20.45 -10.05 -22.15
CA LEU A 109 -20.26 -10.57 -23.52
C LEU A 109 -21.56 -11.11 -24.12
N SER A 110 -22.37 -11.84 -23.34
CA SER A 110 -23.66 -12.39 -23.80
C SER A 110 -24.64 -11.25 -24.11
N ALA A 111 -24.63 -10.20 -23.28
CA ALA A 111 -25.51 -9.05 -23.42
C ALA A 111 -25.19 -8.16 -24.64
N PHE A 112 -23.91 -7.79 -24.82
CA PHE A 112 -23.52 -6.83 -25.87
C PHE A 112 -22.38 -7.23 -26.81
N GLY A 113 -21.83 -8.42 -26.66
CA GLY A 113 -20.66 -8.84 -27.44
C GLY A 113 -19.40 -8.20 -26.88
N THR A 114 -18.40 -7.96 -27.76
CA THR A 114 -17.09 -7.40 -27.39
C THR A 114 -17.19 -6.08 -26.60
N VAL A 115 -16.44 -5.98 -25.51
CA VAL A 115 -16.36 -4.78 -24.70
C VAL A 115 -15.29 -3.88 -25.33
N ASP A 116 -15.63 -2.60 -25.56
CA ASP A 116 -14.68 -1.61 -26.08
C ASP A 116 -13.92 -0.91 -24.94
N TYR A 117 -14.65 -0.46 -23.88
CA TYR A 117 -14.10 0.26 -22.73
C TYR A 117 -14.25 -0.54 -21.46
N LEU A 118 -13.11 -0.84 -20.81
CA LEU A 118 -13.13 -1.45 -19.51
C LEU A 118 -12.83 -0.32 -18.54
N ILE A 119 -13.82 0.08 -17.76
CA ILE A 119 -13.67 1.15 -16.75
C ILE A 119 -13.49 0.53 -15.39
N ASN A 120 -12.24 0.39 -14.97
CA ASN A 120 -11.86 -0.18 -13.68
C ASN A 120 -12.01 0.90 -12.60
N ASN A 121 -13.27 1.20 -12.27
CA ASN A 121 -13.64 2.26 -11.33
C ASN A 121 -13.74 1.81 -9.90
N ALA A 122 -14.28 0.59 -9.61
CA ALA A 122 -14.44 0.16 -8.21
C ALA A 122 -13.13 0.31 -7.43
N GLY A 123 -13.24 0.87 -6.23
CA GLY A 123 -12.09 1.07 -5.37
C GLY A 123 -12.53 1.26 -3.94
N ILE A 124 -12.37 0.20 -3.13
CA ILE A 124 -12.75 0.23 -1.72
C ILE A 124 -11.81 1.12 -0.93
N ALA A 125 -12.30 1.74 0.16
CA ALA A 125 -11.47 2.58 1.05
C ALA A 125 -10.31 1.76 1.68
N GLY A 126 -10.60 0.49 1.99
CA GLY A 126 -9.61 -0.40 2.58
C GLY A 126 -9.70 -0.46 4.08
N VAL A 127 -8.62 -0.93 4.73
CA VAL A 127 -8.50 -1.22 6.17
C VAL A 127 -8.61 0.03 7.04
N GLU A 128 -8.07 1.16 6.56
CA GLU A 128 -8.10 2.44 7.27
C GLU A 128 -7.42 2.33 8.65
N GLU A 129 -6.20 1.81 8.66
CA GLU A 129 -5.41 1.65 9.87
C GLU A 129 -3.98 1.89 9.50
N MET A 130 -3.14 2.16 10.50
CA MET A 130 -1.69 2.24 10.35
C MET A 130 -1.23 0.82 9.99
N VAL A 131 -0.12 0.70 9.25
CA VAL A 131 0.44 -0.61 8.87
C VAL A 131 0.56 -1.56 10.10
N ILE A 132 1.10 -1.07 11.25
CA ILE A 132 1.28 -1.89 12.47
C ILE A 132 -0.05 -2.46 13.01
N ASP A 133 -1.19 -1.81 12.72
CA ASP A 133 -2.53 -2.28 13.14
C ASP A 133 -3.31 -2.88 11.97
N MET A 134 -2.66 -3.07 10.81
CA MET A 134 -3.31 -3.56 9.59
C MET A 134 -3.19 -5.09 9.48
N PRO A 135 -4.30 -5.84 9.63
CA PRO A 135 -4.23 -7.31 9.42
C PRO A 135 -3.73 -7.63 7.99
N VAL A 136 -2.91 -8.68 7.83
CA VAL A 136 -2.32 -9.07 6.53
C VAL A 136 -3.43 -9.42 5.50
N GLU A 137 -4.45 -10.19 5.94
CA GLU A 137 -5.60 -10.54 5.11
C GLU A 137 -6.42 -9.31 4.67
N GLY A 138 -6.48 -8.29 5.50
CA GLY A 138 -7.18 -7.05 5.17
C GLY A 138 -6.47 -6.29 4.06
N TRP A 139 -5.12 -6.29 4.11
CA TRP A 139 -4.21 -5.71 3.10
C TRP A 139 -4.41 -6.48 1.75
N ARG A 140 -4.49 -7.83 1.83
CA ARG A 140 -4.66 -8.68 0.65
C ARG A 140 -6.02 -8.41 0.01
N HIS A 141 -7.06 -8.22 0.85
CA HIS A 141 -8.42 -7.95 0.38
C HIS A 141 -8.43 -6.64 -0.43
N THR A 142 -7.77 -5.58 0.06
CA THR A 142 -7.69 -4.30 -0.71
C THR A 142 -7.00 -4.48 -2.06
N LEU A 143 -5.86 -5.21 -2.10
CA LEU A 143 -5.13 -5.51 -3.32
C LEU A 143 -6.01 -6.27 -4.30
N PHE A 144 -6.74 -7.31 -3.83
CA PHE A 144 -7.67 -8.06 -4.67
C PHE A 144 -8.77 -7.19 -5.28
N ALA A 145 -9.43 -6.34 -4.49
CA ALA A 145 -10.54 -5.52 -4.95
C ALA A 145 -10.13 -4.34 -5.89
N ASN A 146 -9.05 -3.67 -5.55
CA ASN A 146 -8.60 -2.42 -6.19
C ASN A 146 -7.52 -2.52 -7.23
N LEU A 147 -6.72 -3.61 -7.19
CA LEU A 147 -5.59 -3.76 -8.11
C LEU A 147 -5.63 -5.05 -8.93
N ILE A 148 -5.68 -6.20 -8.26
CA ILE A 148 -5.66 -7.50 -8.92
C ILE A 148 -6.89 -7.65 -9.84
N SER A 149 -8.03 -7.10 -9.42
CA SER A 149 -9.29 -7.13 -10.17
C SER A 149 -9.13 -6.45 -11.53
N ASN A 150 -8.31 -5.36 -11.59
CA ASN A 150 -8.01 -4.55 -12.79
C ASN A 150 -7.24 -5.39 -13.82
N TYR A 151 -6.20 -6.14 -13.37
CA TYR A 151 -5.46 -7.04 -14.26
C TYR A 151 -6.39 -8.15 -14.72
N SER A 152 -7.15 -8.76 -13.77
CA SER A 152 -8.06 -9.88 -14.06
C SER A 152 -9.07 -9.55 -15.16
N LEU A 153 -9.70 -8.37 -15.05
CA LEU A 153 -10.66 -7.93 -16.07
C LEU A 153 -9.99 -7.61 -17.41
N MET A 154 -8.77 -7.05 -17.39
CA MET A 154 -8.02 -6.77 -18.62
C MET A 154 -7.63 -8.10 -19.31
N ARG A 155 -7.12 -9.06 -18.54
CA ARG A 155 -6.75 -10.38 -19.02
C ARG A 155 -7.90 -11.08 -19.80
N LYS A 156 -9.16 -10.90 -19.33
CA LYS A 156 -10.35 -11.50 -19.94
C LYS A 156 -10.87 -10.74 -21.16
N LEU A 157 -10.74 -9.40 -21.17
CA LEU A 157 -11.32 -8.59 -22.22
C LEU A 157 -10.35 -8.13 -23.30
N ALA A 158 -9.04 -8.02 -22.98
CA ALA A 158 -8.04 -7.59 -23.97
C ALA A 158 -7.92 -8.53 -25.18
N PRO A 159 -8.06 -9.90 -25.09
CA PRO A 159 -7.99 -10.72 -26.34
C PRO A 159 -9.03 -10.34 -27.39
N LEU A 160 -10.27 -10.03 -26.97
CA LEU A 160 -11.38 -9.64 -27.86
C LEU A 160 -11.13 -8.24 -28.44
N MET A 161 -10.56 -7.37 -27.63
CA MET A 161 -10.23 -6.01 -28.06
C MET A 161 -9.14 -6.06 -29.13
N LYS A 162 -8.08 -6.86 -28.90
CA LYS A 162 -6.97 -7.00 -29.84
C LYS A 162 -7.45 -7.64 -31.17
N LYS A 163 -8.32 -8.67 -31.09
CA LYS A 163 -8.89 -9.35 -32.26
C LYS A 163 -9.72 -8.40 -33.14
N GLN A 164 -10.58 -7.56 -32.52
CA GLN A 164 -11.38 -6.56 -33.26
C GLN A 164 -10.55 -5.33 -33.71
N GLY A 165 -9.31 -5.23 -33.24
CA GLY A 165 -8.39 -4.15 -33.60
C GLY A 165 -8.48 -2.86 -32.80
N SER A 166 -9.28 -2.83 -31.71
CA SER A 166 -9.41 -1.64 -30.86
C SER A 166 -9.93 -1.94 -29.47
N GLY A 167 -9.53 -1.11 -28.51
CA GLY A 167 -9.95 -1.22 -27.13
C GLY A 167 -9.40 -0.14 -26.22
N TYR A 168 -9.96 -0.04 -25.01
CA TYR A 168 -9.57 0.95 -24.01
C TYR A 168 -9.72 0.38 -22.62
N ILE A 169 -8.63 0.46 -21.85
CA ILE A 169 -8.57 0.08 -20.44
C ILE A 169 -8.33 1.38 -19.68
N LEU A 170 -9.31 1.80 -18.85
CA LEU A 170 -9.17 2.97 -17.97
C LEU A 170 -9.19 2.55 -16.51
N ASN A 171 -8.09 2.80 -15.78
CA ASN A 171 -8.03 2.48 -14.35
C ASN A 171 -8.30 3.72 -13.54
N VAL A 172 -9.32 3.68 -12.68
CA VAL A 172 -9.61 4.86 -11.86
C VAL A 172 -8.66 4.80 -10.64
N SER A 173 -7.58 5.58 -10.71
CA SER A 173 -6.59 5.63 -9.64
C SER A 173 -6.96 6.83 -8.72
N SER A 174 -5.97 7.48 -8.11
CA SER A 174 -6.17 8.64 -7.23
C SER A 174 -4.95 9.52 -7.24
N TYR A 175 -5.11 10.77 -6.76
CA TYR A 175 -3.99 11.69 -6.51
C TYR A 175 -3.06 10.96 -5.49
N PHE A 176 -3.66 10.14 -4.59
CA PHE A 176 -2.94 9.44 -3.56
C PHE A 176 -2.26 8.16 -4.00
N GLY A 177 -2.28 7.91 -5.32
CA GLY A 177 -1.49 6.86 -5.95
C GLY A 177 -0.14 7.39 -6.44
N GLY A 178 0.13 8.67 -6.17
CA GLY A 178 1.38 9.33 -6.56
C GLY A 178 1.47 9.62 -8.04
N GLU A 179 2.70 9.67 -8.54
CA GLU A 179 2.97 9.96 -9.93
C GLU A 179 4.20 9.25 -10.45
N LYS A 180 4.50 9.43 -11.74
CA LYS A 180 5.69 8.83 -12.34
C LYS A 180 6.88 9.54 -11.69
N ASP A 181 7.82 8.77 -11.12
CA ASP A 181 9.03 9.28 -10.48
C ASP A 181 8.80 10.01 -9.13
N ALA A 182 7.59 9.95 -8.55
CA ALA A 182 7.29 10.55 -7.24
C ALA A 182 6.22 9.79 -6.47
N ALA A 183 6.51 9.51 -5.18
CA ALA A 183 5.54 8.81 -4.32
C ALA A 183 4.88 9.83 -3.38
N ILE A 184 3.62 9.60 -3.05
CA ILE A 184 2.84 10.44 -2.13
C ILE A 184 2.48 9.58 -0.88
N PRO A 185 2.94 9.93 0.34
CA PRO A 185 2.53 9.15 1.52
C PRO A 185 1.03 9.35 1.83
N TYR A 186 0.34 8.29 2.26
CA TYR A 186 -1.07 8.41 2.63
C TYR A 186 -1.22 7.72 3.99
N PRO A 187 -0.84 8.40 5.12
CA PRO A 187 -0.88 7.72 6.43
C PRO A 187 -2.25 7.15 6.76
N ASN A 188 -2.25 5.94 7.36
CA ASN A 188 -3.45 5.14 7.73
C ASN A 188 -4.11 4.49 6.53
N ARG A 189 -3.55 4.70 5.32
CA ARG A 189 -4.15 4.18 4.08
C ARG A 189 -3.15 3.46 3.15
N ALA A 190 -2.12 2.81 3.71
CA ALA A 190 -1.06 2.16 2.90
C ALA A 190 -1.56 1.17 1.89
N ASP A 191 -2.53 0.31 2.27
CA ASP A 191 -3.12 -0.69 1.39
C ASP A 191 -3.77 0.00 0.20
N TYR A 192 -4.56 1.03 0.49
CA TYR A 192 -5.29 1.82 -0.49
C TYR A 192 -4.33 2.56 -1.43
N ALA A 193 -3.32 3.23 -0.86
CA ALA A 193 -2.29 4.02 -1.60
C ALA A 193 -1.52 3.12 -2.58
N VAL A 194 -1.16 1.89 -2.12
CA VAL A 194 -0.45 0.85 -2.90
C VAL A 194 -1.32 0.40 -4.08
N SER A 195 -2.62 0.17 -3.83
CA SER A 195 -3.55 -0.29 -4.86
C SER A 195 -3.73 0.79 -5.96
N LYS A 196 -3.85 2.06 -5.54
CA LYS A 196 -3.93 3.24 -6.44
C LYS A 196 -2.67 3.39 -7.24
N ALA A 197 -1.51 3.26 -6.58
CA ALA A 197 -0.21 3.40 -7.25
C ALA A 197 -0.02 2.27 -8.27
N GLY A 198 -0.51 1.06 -7.97
CA GLY A 198 -0.42 -0.09 -8.85
C GLY A 198 -1.29 0.04 -10.09
N GLN A 199 -2.45 0.71 -9.96
CA GLN A 199 -3.38 0.93 -11.08
C GLN A 199 -2.70 1.87 -12.11
N ARG A 200 -2.03 2.92 -11.62
CA ARG A 200 -1.25 3.85 -12.47
C ARG A 200 -0.08 3.10 -13.13
N ALA A 201 0.73 2.35 -12.32
CA ALA A 201 1.89 1.59 -12.80
C ALA A 201 1.53 0.55 -13.88
N MET A 202 0.35 -0.08 -13.78
CA MET A 202 -0.20 -1.03 -14.74
C MET A 202 -0.37 -0.34 -16.09
N ALA A 203 -0.95 0.88 -16.11
CA ALA A 203 -1.10 1.68 -17.33
C ALA A 203 0.26 2.00 -17.92
N GLU A 204 1.20 2.40 -17.05
CA GLU A 204 2.54 2.80 -17.47
C GLU A 204 3.36 1.69 -18.14
N VAL A 205 3.32 0.45 -17.60
CA VAL A 205 4.17 -0.65 -18.09
C VAL A 205 3.50 -1.50 -19.18
N PHE A 206 2.14 -1.65 -19.16
CA PHE A 206 1.43 -2.45 -20.18
C PHE A 206 1.15 -1.70 -21.48
N ALA A 207 1.22 -0.34 -21.47
CA ALA A 207 0.99 0.48 -22.67
C ALA A 207 1.69 -0.02 -23.93
N ARG A 208 3.00 -0.28 -23.85
CA ARG A 208 3.79 -0.73 -25.01
C ARG A 208 3.34 -2.10 -25.55
N PHE A 209 2.90 -3.03 -24.67
CA PHE A 209 2.39 -4.35 -25.05
C PHE A 209 1.00 -4.27 -25.67
N LEU A 210 0.12 -3.43 -25.08
CA LEU A 210 -1.27 -3.32 -25.52
C LEU A 210 -1.44 -2.55 -26.84
N GLY A 211 -0.52 -1.61 -27.12
CA GLY A 211 -0.55 -0.82 -28.33
C GLY A 211 -0.13 -1.66 -29.54
N PRO A 212 -0.51 -1.31 -30.79
CA PRO A 212 -1.30 -0.14 -31.20
C PRO A 212 -2.83 -0.26 -31.04
N GLU A 213 -3.37 -1.48 -30.81
CA GLU A 213 -4.83 -1.67 -30.75
C GLU A 213 -5.49 -1.16 -29.49
N ILE A 214 -4.87 -1.40 -28.33
CA ILE A 214 -5.49 -1.00 -27.07
C ILE A 214 -4.79 0.17 -26.39
N GLN A 215 -5.60 1.12 -25.91
CA GLN A 215 -5.15 2.25 -25.12
C GLN A 215 -5.32 1.88 -23.65
N ILE A 216 -4.37 2.30 -22.83
CA ILE A 216 -4.45 2.06 -21.39
C ILE A 216 -3.94 3.27 -20.70
N ASN A 217 -4.84 3.94 -19.93
CA ASN A 217 -4.52 5.09 -19.11
C ASN A 217 -5.16 4.99 -17.74
N ALA A 218 -4.73 5.88 -16.86
CA ALA A 218 -5.31 6.02 -15.54
C ALA A 218 -5.85 7.44 -15.40
N ILE A 219 -6.83 7.60 -14.51
CA ILE A 219 -7.31 8.92 -14.07
C ILE A 219 -6.90 9.02 -12.59
N ALA A 220 -6.43 10.18 -12.17
CA ALA A 220 -6.00 10.39 -10.79
C ALA A 220 -6.72 11.61 -10.21
N PRO A 221 -8.01 11.51 -9.84
CA PRO A 221 -8.67 12.71 -9.27
C PRO A 221 -8.16 12.99 -7.87
N GLY A 222 -8.20 14.26 -7.50
CA GLY A 222 -7.96 14.70 -6.14
C GLY A 222 -9.26 14.47 -5.38
N PRO A 223 -9.42 14.97 -4.15
CA PRO A 223 -10.67 14.73 -3.39
C PRO A 223 -11.93 15.21 -4.11
N VAL A 224 -12.98 14.38 -4.04
CA VAL A 224 -14.24 14.62 -4.75
C VAL A 224 -15.42 14.77 -3.81
N GLU A 225 -16.24 15.80 -4.04
CA GLU A 225 -17.46 16.06 -3.28
C GLU A 225 -18.46 14.92 -3.61
N GLY A 226 -18.91 14.20 -2.60
CA GLY A 226 -19.85 13.11 -2.81
C GLY A 226 -20.04 12.25 -1.60
N ASP A 227 -20.93 11.23 -1.70
CA ASP A 227 -21.26 10.30 -0.61
C ASP A 227 -20.06 9.61 0.01
N ARG A 228 -19.06 9.21 -0.79
CA ARG A 228 -17.87 8.55 -0.25
C ARG A 228 -17.25 9.40 0.87
N LEU A 229 -17.04 10.70 0.62
CA LEU A 229 -16.41 11.61 1.57
C LEU A 229 -17.37 12.25 2.60
N ARG A 230 -18.61 12.60 2.17
CA ARG A 230 -19.60 13.23 3.04
C ARG A 230 -20.44 12.28 3.90
N GLY A 231 -20.69 11.07 3.40
CA GLY A 231 -21.53 10.09 4.09
C GLY A 231 -22.99 10.24 3.76
N PRO A 236 -21.73 7.07 7.81
CA PRO A 236 -20.57 7.96 8.06
C PRO A 236 -19.50 7.86 6.95
N GLY A 237 -19.26 8.98 6.29
CA GLY A 237 -18.33 9.09 5.18
C GLY A 237 -16.86 9.04 5.56
N LEU A 238 -15.99 9.12 4.53
CA LEU A 238 -14.53 9.08 4.70
C LEU A 238 -14.02 10.13 5.71
N PHE A 239 -14.55 11.38 5.67
CA PHE A 239 -14.16 12.49 6.58
C PHE A 239 -14.52 12.21 8.05
N ALA A 240 -15.75 11.74 8.31
CA ALA A 240 -16.27 11.40 9.64
C ALA A 240 -15.50 10.18 10.19
N ARG A 241 -15.21 9.18 9.34
CA ARG A 241 -14.46 7.97 9.74
C ARG A 241 -12.99 8.32 10.04
N ARG A 242 -12.42 9.25 9.27
CA ARG A 242 -11.06 9.72 9.45
C ARG A 242 -10.99 10.50 10.77
N ALA A 243 -12.07 11.28 11.10
CA ALA A 243 -12.14 12.08 12.32
C ALA A 243 -12.13 11.15 13.53
N ARG A 244 -13.01 10.12 13.54
CA ARG A 244 -13.10 9.15 14.62
C ARG A 244 -11.76 8.39 14.81
N LEU A 245 -11.07 8.01 13.68
CA LEU A 245 -9.76 7.36 13.73
C LEU A 245 -8.70 8.30 14.29
N ILE A 246 -8.70 9.59 13.89
CA ILE A 246 -7.74 10.55 14.46
C ILE A 246 -7.78 10.50 16.00
N LEU A 247 -8.98 10.52 16.58
CA LEU A 247 -9.20 10.48 18.03
C LEU A 247 -8.87 9.10 18.63
N GLU A 248 -9.25 8.01 17.92
CA GLU A 248 -8.96 6.63 18.35
C GLU A 248 -7.45 6.29 18.31
N ASN A 249 -6.77 6.64 17.20
CA ASN A 249 -5.33 6.44 16.94
C ASN A 249 -4.51 7.29 17.90
N LYS A 250 -5.03 8.48 18.29
CA LYS A 250 -4.37 9.40 19.22
C LYS A 250 -4.30 8.74 20.59
N ARG A 251 -5.42 8.15 21.05
CA ARG A 251 -5.52 7.46 22.33
C ARG A 251 -4.63 6.20 22.31
N LEU A 252 -4.66 5.42 21.22
CA LEU A 252 -3.85 4.21 21.04
C LEU A 252 -2.34 4.49 21.03
N ASN A 253 -1.89 5.43 20.17
CA ASN A 253 -0.48 5.79 20.03
C ASN A 253 0.09 6.38 21.28
N GLU A 254 -0.70 7.19 22.00
CA GLU A 254 -0.25 7.81 23.24
C GLU A 254 -0.10 6.78 24.36
N LEU A 255 -1.06 5.83 24.46
CA LEU A 255 -1.00 4.74 25.44
C LEU A 255 0.21 3.83 25.15
N HIS A 256 0.34 3.39 23.88
CA HIS A 256 1.42 2.52 23.42
C HIS A 256 2.81 3.07 23.74
N ALA A 257 3.10 4.30 23.28
CA ALA A 257 4.37 4.98 23.51
C ALA A 257 4.67 5.13 25.00
N ALA A 258 3.69 5.59 25.81
CA ALA A 258 3.86 5.77 27.26
C ALA A 258 4.16 4.45 27.98
N LEU A 259 3.56 3.34 27.52
CA LEU A 259 3.81 2.01 28.09
C LEU A 259 5.23 1.53 27.70
N ILE A 260 5.66 1.80 26.45
CA ILE A 260 7.00 1.46 25.95
C ILE A 260 8.06 2.28 26.75
N ALA A 261 7.82 3.61 26.94
CA ALA A 261 8.72 4.51 27.67
C ALA A 261 8.85 4.10 29.15
N ALA A 262 7.71 3.78 29.80
CA ALA A 262 7.68 3.33 31.18
C ALA A 262 8.49 2.04 31.36
N ALA A 263 8.37 1.10 30.40
CA ALA A 263 9.08 -0.20 30.40
C ALA A 263 10.62 -0.08 30.42
N ARG A 264 11.16 1.01 29.81
CA ARG A 264 12.59 1.30 29.75
C ARG A 264 13.15 1.69 31.13
N THR A 265 12.39 2.49 31.91
CA THR A 265 12.77 3.01 33.22
C THR A 265 12.07 2.31 34.42
N ASP A 266 11.30 1.24 34.18
CA ASP A 266 10.62 0.54 35.28
C ASP A 266 10.96 -0.93 35.33
N GLU A 267 11.01 -1.45 36.56
CA GLU A 267 11.33 -2.82 36.96
C GLU A 267 10.23 -3.84 36.62
N ARG A 268 8.97 -3.39 36.60
CA ARG A 268 7.80 -4.22 36.33
C ARG A 268 7.74 -4.69 34.90
N SER A 269 7.10 -5.86 34.68
CA SER A 269 6.90 -6.40 33.34
C SER A 269 5.81 -5.58 32.63
N MET A 270 5.74 -5.69 31.29
CA MET A 270 4.69 -5.06 30.51
C MET A 270 3.32 -5.50 31.05
N HIS A 271 3.21 -6.79 31.47
CA HIS A 271 2.01 -7.37 32.06
C HIS A 271 1.59 -6.53 33.28
N GLU A 272 2.53 -6.27 34.22
CA GLU A 272 2.31 -5.50 35.44
C GLU A 272 2.01 -4.03 35.16
N LEU A 273 2.61 -3.46 34.11
CA LEU A 273 2.39 -2.09 33.69
C LEU A 273 0.99 -1.91 33.06
N VAL A 274 0.56 -2.89 32.24
CA VAL A 274 -0.77 -2.94 31.60
C VAL A 274 -1.87 -3.11 32.68
N GLU A 275 -1.56 -3.84 33.79
CA GLU A 275 -2.44 -4.05 34.96
C GLU A 275 -2.86 -2.73 35.61
N LEU A 276 -2.00 -1.69 35.56
CA LEU A 276 -2.27 -0.35 36.11
C LEU A 276 -3.39 0.36 35.34
N LEU A 277 -3.66 -0.08 34.10
CA LEU A 277 -4.73 0.47 33.24
C LEU A 277 -6.08 -0.24 33.45
N LEU A 278 -6.08 -1.41 34.12
CA LEU A 278 -7.29 -2.23 34.34
C LEU A 278 -8.43 -1.52 35.09
N PRO A 279 -8.23 -0.71 36.17
CA PRO A 279 -9.38 0.03 36.75
C PRO A 279 -10.06 0.94 35.72
N ASN A 280 -9.36 1.25 34.61
CA ASN A 280 -9.79 2.09 33.47
C ASN A 280 -10.36 3.44 33.93
N ASP A 281 -9.62 4.07 34.83
CA ASP A 281 -9.98 5.32 35.45
C ASP A 281 -8.84 6.31 35.30
N VAL A 282 -9.02 7.32 34.43
CA VAL A 282 -8.06 8.40 34.15
C VAL A 282 -7.63 9.12 35.46
N ALA A 283 -8.62 9.52 36.31
CA ALA A 283 -8.36 10.22 37.56
C ALA A 283 -7.53 9.40 38.55
N ALA A 284 -7.94 8.13 38.82
CA ALA A 284 -7.24 7.21 39.71
C ALA A 284 -5.79 6.93 39.25
N LEU A 285 -5.53 6.83 37.91
CA LEU A 285 -4.19 6.60 37.37
C LEU A 285 -3.28 7.82 37.56
N GLU A 286 -3.82 9.03 37.33
CA GLU A 286 -3.10 10.29 37.54
C GLU A 286 -2.70 10.46 39.03
N GLN A 287 -3.60 10.06 39.95
CA GLN A 287 -3.44 10.19 41.38
C GLN A 287 -2.69 9.01 42.03
N ASN A 288 -2.29 7.99 41.24
CA ASN A 288 -1.60 6.79 41.73
C ASN A 288 -0.08 7.01 41.91
N PRO A 289 0.44 7.08 43.15
CA PRO A 289 1.89 7.29 43.35
C PRO A 289 2.76 6.12 42.89
N ALA A 290 2.20 4.89 42.94
CA ALA A 290 2.85 3.64 42.51
C ALA A 290 2.99 3.49 40.98
N ALA A 291 2.31 4.35 40.20
CA ALA A 291 2.35 4.31 38.74
C ALA A 291 3.53 5.13 38.19
N PRO A 292 4.23 4.68 37.11
CA PRO A 292 5.37 5.47 36.59
C PRO A 292 4.95 6.83 36.04
N THR A 293 5.87 7.82 36.13
CA THR A 293 5.68 9.21 35.68
C THR A 293 5.08 9.30 34.28
N ALA A 294 5.60 8.50 33.33
CA ALA A 294 5.13 8.44 31.94
C ALA A 294 3.61 8.18 31.82
N LEU A 295 3.08 7.26 32.66
CA LEU A 295 1.66 6.91 32.69
C LEU A 295 0.82 7.96 33.46
N ARG A 296 1.40 8.57 34.52
CA ARG A 296 0.74 9.61 35.32
C ARG A 296 0.58 10.90 34.53
N GLU A 297 1.61 11.29 33.73
CA GLU A 297 1.63 12.49 32.88
C GLU A 297 0.66 12.32 31.73
N LEU A 298 0.50 11.06 31.26
CA LEU A 298 -0.41 10.67 30.18
C LEU A 298 -1.84 10.85 30.67
N ALA A 299 -2.17 10.34 31.88
CA ALA A 299 -3.49 10.48 32.48
C ALA A 299 -3.86 11.97 32.67
N ARG A 300 -2.88 12.80 33.13
CA ARG A 300 -3.00 14.26 33.30
C ARG A 300 -3.53 14.89 32.00
N ARG A 301 -2.87 14.57 30.88
CA ARG A 301 -3.12 15.02 29.51
C ARG A 301 -4.51 14.62 28.97
N PHE A 302 -5.00 13.40 29.28
CA PHE A 302 -6.31 12.89 28.85
C PHE A 302 -7.47 13.69 29.45
N ARG A 303 -7.41 13.96 30.76
CA ARG A 303 -8.38 14.73 31.53
C ARG A 303 -8.34 16.24 31.14
N SER A 304 -7.11 16.76 30.92
CA SER A 304 -6.80 18.15 30.57
C SER A 304 -7.25 18.55 29.15
N GLU A 305 -7.08 17.66 28.17
CA GLU A 305 -7.42 17.95 26.77
C GLU A 305 -8.73 17.31 26.28
N GLY A 306 -9.45 16.62 27.16
CA GLY A 306 -10.68 15.93 26.79
C GLY A 306 -11.98 16.66 27.01
N ASP A 307 -13.03 16.16 26.32
CA ASP A 307 -14.41 16.65 26.40
C ASP A 307 -15.00 15.95 27.62
N PRO A 308 -15.54 16.74 28.58
CA PRO A 308 -16.05 16.16 29.84
C PRO A 308 -17.31 15.29 29.70
N ALA A 309 -18.02 15.42 28.57
CA ALA A 309 -19.21 14.62 28.26
C ALA A 309 -18.75 13.28 27.63
N ALA A 310 -17.54 13.28 27.04
CA ALA A 310 -16.91 12.09 26.45
C ALA A 310 -16.33 11.23 27.55
N SER A 311 -16.69 9.93 27.57
CA SER A 311 -16.18 9.01 28.58
C SER A 311 -14.67 8.74 28.41
N SER A 312 -14.07 9.17 27.27
CA SER A 312 -12.63 9.07 27.00
C SER A 312 -11.80 10.02 27.89
N SER A 313 -12.46 10.96 28.60
CA SER A 313 -11.80 11.90 29.50
C SER A 313 -11.72 11.31 30.92
N SER A 314 -12.62 10.35 31.24
CA SER A 314 -12.69 9.71 32.56
C SER A 314 -12.22 8.25 32.52
N ALA A 315 -12.23 7.65 31.32
CA ALA A 315 -11.78 6.27 31.07
C ALA A 315 -10.60 6.28 30.09
N LEU A 316 -9.61 5.42 30.35
CA LEU A 316 -8.38 5.31 29.54
C LEU A 316 -8.62 4.72 28.15
N LEU A 317 -9.41 3.64 28.07
CA LEU A 317 -9.73 2.98 26.81
C LEU A 317 -11.02 2.15 26.85
N ASN A 318 -11.45 1.68 25.66
CA ASN A 318 -12.56 0.76 25.46
C ASN A 318 -11.95 -0.58 24.97
N ARG A 319 -12.76 -1.66 24.85
CA ARG A 319 -12.28 -2.98 24.43
C ARG A 319 -11.68 -2.99 23.01
N SER A 320 -12.14 -2.07 22.11
CA SER A 320 -11.62 -1.97 20.75
C SER A 320 -10.19 -1.43 20.74
N ILE A 321 -9.94 -0.30 21.42
CA ILE A 321 -8.59 0.28 21.52
C ILE A 321 -7.69 -0.69 22.32
N ALA A 322 -8.23 -1.31 23.39
CA ALA A 322 -7.55 -2.31 24.21
C ALA A 322 -7.05 -3.49 23.37
N ALA A 323 -7.88 -3.96 22.40
CA ALA A 323 -7.53 -5.06 21.48
C ALA A 323 -6.44 -4.65 20.51
N LYS A 324 -6.50 -3.42 19.98
CA LYS A 324 -5.46 -2.90 19.08
C LYS A 324 -4.12 -2.80 19.85
N LEU A 325 -4.18 -2.31 21.10
CA LEU A 325 -3.01 -2.15 21.97
C LEU A 325 -2.37 -3.49 22.29
N LEU A 326 -3.17 -4.48 22.74
CA LEU A 326 -2.71 -5.83 23.05
C LEU A 326 -2.01 -6.46 21.86
N ALA A 327 -2.62 -6.37 20.64
CA ALA A 327 -2.04 -6.91 19.41
C ALA A 327 -0.65 -6.31 19.16
N ARG A 328 -0.48 -4.95 19.31
CA ARG A 328 0.81 -4.28 19.12
C ARG A 328 1.83 -4.84 20.10
N LEU A 329 1.44 -4.96 21.37
CA LEU A 329 2.29 -5.48 22.44
C LEU A 329 2.69 -6.94 22.18
N HIS A 330 1.73 -7.79 21.73
CA HIS A 330 1.99 -9.19 21.38
C HIS A 330 2.94 -9.30 20.18
N ASN A 331 2.70 -8.50 19.11
CA ASN A 331 3.53 -8.47 17.91
C ASN A 331 4.93 -7.99 18.22
N GLY A 332 5.04 -7.08 19.19
CA GLY A 332 6.30 -6.54 19.70
C GLY A 332 7.08 -7.49 20.60
N GLY A 333 6.47 -8.62 20.94
CA GLY A 333 7.14 -9.67 21.73
C GLY A 333 6.88 -9.68 23.22
N TYR A 334 5.94 -8.85 23.70
CA TYR A 334 5.59 -8.79 25.13
C TYR A 334 4.66 -9.94 25.51
N VAL A 335 4.94 -10.57 26.67
CA VAL A 335 4.16 -11.71 27.16
C VAL A 335 3.02 -11.20 28.04
N LEU A 336 1.79 -11.31 27.52
CA LEU A 336 0.58 -10.87 28.22
C LEU A 336 -0.53 -11.88 27.99
N PRO A 337 -1.38 -12.20 28.98
CA PRO A 337 -2.48 -13.14 28.72
C PRO A 337 -3.50 -12.50 27.78
N ALA A 338 -4.08 -13.31 26.86
CA ALA A 338 -5.08 -12.89 25.87
C ALA A 338 -6.34 -12.30 26.51
N ASP A 339 -6.61 -12.69 27.77
CA ASP A 339 -7.74 -12.27 28.59
C ASP A 339 -7.41 -11.08 29.54
N ILE A 340 -6.24 -10.42 29.37
CA ILE A 340 -5.85 -9.28 30.24
C ILE A 340 -6.95 -8.19 30.30
N PHE A 341 -7.62 -7.92 29.16
CA PHE A 341 -8.68 -6.91 29.05
C PHE A 341 -10.11 -7.50 29.08
N ALA A 342 -10.27 -8.76 29.55
CA ALA A 342 -11.58 -9.42 29.63
C ALA A 342 -12.53 -8.73 30.63
N ASN A 343 -12.04 -8.44 31.84
CA ASN A 343 -12.84 -7.80 32.89
C ASN A 343 -12.82 -6.26 32.83
N LEU A 344 -12.22 -5.67 31.77
CA LEU A 344 -12.12 -4.22 31.61
C LEU A 344 -13.49 -3.55 31.62
N PRO A 345 -13.72 -2.56 32.54
CA PRO A 345 -15.01 -1.87 32.58
C PRO A 345 -15.25 -1.10 31.28
N ASN A 346 -16.35 -1.40 30.59
CA ASN A 346 -16.70 -0.75 29.34
C ASN A 346 -17.18 0.69 29.60
N PRO A 347 -16.57 1.72 28.95
CA PRO A 347 -17.00 3.10 29.21
C PRO A 347 -18.38 3.41 28.62
N PRO A 348 -19.23 4.21 29.32
CA PRO A 348 -20.55 4.52 28.76
C PRO A 348 -20.47 5.37 27.50
N ASP A 349 -21.39 5.17 26.55
CA ASP A 349 -21.42 5.93 25.30
C ASP A 349 -21.84 7.40 25.59
N PRO A 350 -21.21 8.41 24.94
CA PRO A 350 -20.18 8.30 23.90
C PRO A 350 -18.73 8.32 24.42
N PHE A 351 -17.85 7.46 23.85
CA PHE A 351 -16.42 7.46 24.19
C PHE A 351 -15.81 8.76 23.65
N PHE A 352 -16.18 9.13 22.43
CA PHE A 352 -15.85 10.40 21.81
C PHE A 352 -17.19 11.07 21.45
N THR A 353 -17.37 12.34 21.85
CA THR A 353 -18.63 13.07 21.58
C THR A 353 -18.80 13.46 20.11
N ARG A 354 -20.04 13.84 19.74
CA ARG A 354 -20.39 14.32 18.41
C ARG A 354 -19.57 15.59 18.15
N ALA A 355 -19.45 16.46 19.17
CA ALA A 355 -18.68 17.72 19.14
C ALA A 355 -17.20 17.46 18.82
N GLN A 356 -16.61 16.41 19.43
CA GLN A 356 -15.21 16.02 19.20
C GLN A 356 -15.02 15.54 17.75
N ILE A 357 -15.81 14.54 17.31
CA ILE A 357 -15.75 13.95 15.97
C ILE A 357 -16.01 15.00 14.87
N ASP A 358 -17.05 15.86 15.06
CA ASP A 358 -17.40 16.95 14.11
C ASP A 358 -16.30 18.01 13.98
N ARG A 359 -15.65 18.36 15.11
CA ARG A 359 -14.52 19.33 15.15
C ARG A 359 -13.35 18.78 14.31
N GLU A 360 -13.07 17.48 14.47
CA GLU A 360 -12.00 16.83 13.77
C GLU A 360 -12.31 16.66 12.27
N ALA A 361 -13.58 16.33 11.92
CA ALA A 361 -14.09 16.15 10.54
C ALA A 361 -14.00 17.45 9.72
N ARG A 362 -14.39 18.60 10.31
CA ARG A 362 -14.34 19.92 9.67
C ARG A 362 -12.91 20.39 9.47
N LYS A 363 -11.99 20.03 10.38
CA LYS A 363 -10.55 20.32 10.33
C LYS A 363 -9.92 19.55 9.16
N VAL A 364 -10.39 18.31 8.92
CA VAL A 364 -9.97 17.46 7.79
C VAL A 364 -10.45 18.13 6.49
N ARG A 365 -11.75 18.55 6.45
CA ARG A 365 -12.32 19.20 5.27
C ARG A 365 -11.64 20.54 4.94
N ASP A 366 -11.45 21.41 5.95
CA ASP A 366 -10.82 22.73 5.83
C ASP A 366 -9.40 22.62 5.30
N GLY A 367 -8.64 21.65 5.83
CA GLY A 367 -7.27 21.37 5.42
C GLY A 367 -7.18 20.98 3.95
N ILE A 368 -8.14 20.18 3.47
CA ILE A 368 -8.23 19.78 2.06
C ILE A 368 -8.58 20.96 1.14
N MET A 369 -9.55 21.81 1.56
CA MET A 369 -9.99 23.00 0.83
C MET A 369 -8.89 24.07 0.72
N GLY A 370 -8.03 24.13 1.73
CA GLY A 370 -6.90 25.05 1.76
C GLY A 370 -5.79 24.61 0.83
N MET A 371 -5.65 23.30 0.59
CA MET A 371 -4.63 22.72 -0.29
C MET A 371 -4.98 22.79 -1.77
N LEU A 372 -6.28 22.76 -2.10
CA LEU A 372 -6.76 22.80 -3.48
C LEU A 372 -6.55 24.21 -4.05
N TYR A 373 -5.77 24.34 -5.14
CA TYR A 373 -5.46 25.63 -5.77
C TYR A 373 -6.72 26.43 -6.11
N LEU A 374 -7.81 25.72 -6.48
CA LEU A 374 -9.08 26.34 -6.84
C LEU A 374 -10.00 26.51 -5.62
N GLN A 375 -9.55 26.01 -4.46
CA GLN A 375 -10.21 26.09 -3.14
C GLN A 375 -11.62 25.52 -3.13
N ARG A 376 -11.90 24.62 -4.09
CA ARG A 376 -13.20 23.98 -4.24
C ARG A 376 -13.04 22.54 -4.69
N MET A 377 -13.95 21.69 -4.23
CA MET A 377 -13.91 20.29 -4.63
C MET A 377 -14.80 20.09 -5.83
N PRO A 378 -14.38 19.25 -6.79
CA PRO A 378 -15.26 18.95 -7.92
C PRO A 378 -16.40 18.03 -7.45
N THR A 379 -17.47 17.96 -8.25
CA THR A 379 -18.56 17.02 -7.98
C THR A 379 -18.21 15.77 -8.76
N GLU A 380 -18.96 14.69 -8.51
CA GLU A 380 -18.81 13.43 -9.21
C GLU A 380 -19.11 13.62 -10.69
N PHE A 381 -20.12 14.47 -11.00
CA PHE A 381 -20.51 14.85 -12.36
C PHE A 381 -19.32 15.53 -13.06
N ASP A 382 -18.60 16.43 -12.35
CA ASP A 382 -17.44 17.17 -12.89
C ASP A 382 -16.33 16.21 -13.33
N VAL A 383 -15.99 15.23 -12.47
CA VAL A 383 -14.94 14.22 -12.71
C VAL A 383 -15.34 13.33 -13.88
N ALA A 384 -16.57 12.80 -13.86
CA ALA A 384 -17.12 11.92 -14.89
C ALA A 384 -17.18 12.61 -16.25
N MET A 385 -17.57 13.90 -16.28
CA MET A 385 -17.62 14.69 -17.54
C MET A 385 -16.26 14.75 -18.22
N ALA A 386 -15.25 15.15 -17.45
CA ALA A 386 -13.84 15.30 -17.85
C ALA A 386 -13.28 13.97 -18.35
N THR A 387 -13.65 12.85 -17.68
CA THR A 387 -13.26 11.48 -17.99
C THR A 387 -13.88 11.03 -19.34
N VAL A 388 -15.19 11.32 -19.53
CA VAL A 388 -15.92 10.94 -20.74
C VAL A 388 -15.36 11.71 -21.96
N TYR A 389 -15.00 13.01 -21.80
CA TYR A 389 -14.33 13.74 -22.90
C TYR A 389 -12.94 13.11 -23.11
N TYR A 390 -12.21 12.82 -22.02
CA TYR A 390 -10.88 12.22 -22.13
C TYR A 390 -10.88 10.87 -22.89
N LEU A 391 -11.92 10.04 -22.70
CA LEU A 391 -12.07 8.73 -23.34
C LEU A 391 -12.16 8.79 -24.86
N ALA A 392 -12.56 9.94 -25.41
CA ALA A 392 -12.66 10.17 -26.87
C ALA A 392 -11.28 10.38 -27.52
N ASP A 393 -10.23 10.67 -26.71
CA ASP A 393 -8.87 10.90 -27.21
C ASP A 393 -8.24 9.55 -27.54
N ARG A 394 -8.01 9.30 -28.85
CA ARG A 394 -7.46 8.04 -29.41
C ARG A 394 -5.93 8.00 -29.57
N VAL A 395 -5.24 9.09 -29.20
CA VAL A 395 -3.81 9.22 -29.47
C VAL A 395 -2.93 9.30 -28.20
N VAL A 396 -3.42 8.78 -27.08
CA VAL A 396 -2.66 8.77 -25.83
C VAL A 396 -2.77 7.42 -25.14
N SER A 397 -1.64 6.91 -24.65
CA SER A 397 -1.57 5.66 -23.90
C SER A 397 -0.43 5.77 -22.85
N GLY A 398 -0.56 5.01 -21.77
CA GLY A 398 0.43 4.95 -20.69
C GLY A 398 0.51 6.15 -19.76
N GLU A 399 -0.50 7.00 -19.79
CA GLU A 399 -0.52 8.26 -19.04
C GLU A 399 -1.46 8.22 -17.88
N THR A 400 -1.32 9.23 -16.98
CA THR A 400 -2.23 9.40 -15.84
C THR A 400 -2.89 10.77 -15.96
N PHE A 401 -4.15 10.79 -16.35
CA PHE A 401 -4.88 12.05 -16.47
C PHE A 401 -5.41 12.50 -15.11
N HIS A 402 -5.20 13.78 -14.76
CA HIS A 402 -5.70 14.39 -13.52
C HIS A 402 -6.92 15.27 -13.88
N PRO A 403 -8.14 14.71 -13.74
CA PRO A 403 -9.34 15.50 -14.10
C PRO A 403 -9.72 16.61 -13.11
N SER A 404 -9.20 16.53 -11.89
CA SER A 404 -9.43 17.51 -10.84
C SER A 404 -8.16 17.79 -10.09
N GLY A 405 -8.12 18.95 -9.47
CA GLY A 405 -6.97 19.49 -8.75
C GLY A 405 -6.52 18.57 -7.66
N GLY A 406 -5.20 18.46 -7.53
CA GLY A 406 -4.58 17.66 -6.50
C GLY A 406 -4.28 18.54 -5.29
N LEU A 407 -3.86 17.90 -4.19
CA LEU A 407 -3.53 18.58 -2.95
C LEU A 407 -2.10 19.13 -2.95
N ARG A 408 -1.59 19.50 -1.76
CA ARG A 408 -0.24 20.04 -1.63
C ARG A 408 0.61 19.13 -0.77
N TYR A 409 0.22 17.85 -0.69
CA TYR A 409 0.90 16.80 0.07
C TYR A 409 2.37 16.70 -0.35
N GLU A 410 3.19 16.13 0.52
CA GLU A 410 4.61 15.88 0.31
C GLU A 410 4.80 14.88 -0.84
N ARG A 411 5.70 15.20 -1.77
CA ARG A 411 6.03 14.28 -2.86
C ARG A 411 7.46 13.80 -2.60
N THR A 412 7.63 12.48 -2.59
CA THR A 412 8.93 11.88 -2.37
C THR A 412 9.47 11.46 -3.75
N PRO A 413 10.44 12.20 -4.34
CA PRO A 413 11.01 11.77 -5.63
C PRO A 413 11.64 10.40 -5.46
N THR A 414 11.38 9.51 -6.41
CA THR A 414 11.87 8.15 -6.37
C THR A 414 12.79 7.86 -7.54
N GLY A 415 13.92 7.22 -7.25
CA GLY A 415 14.88 6.86 -8.29
C GLY A 415 16.15 7.66 -8.40
N GLY A 416 16.61 8.22 -7.28
CA GLY A 416 17.88 8.94 -7.23
C GLY A 416 19.04 7.97 -7.36
N GLU A 417 19.90 8.18 -8.37
CA GLU A 417 21.05 7.31 -8.71
C GLU A 417 22.37 7.81 -8.16
N LEU A 418 22.47 9.12 -7.91
CA LEU A 418 23.68 9.77 -7.43
C LEU A 418 23.65 9.87 -5.91
N PHE A 419 24.39 8.97 -5.27
CA PHE A 419 24.50 8.86 -3.83
C PHE A 419 25.89 8.31 -3.53
N GLY A 420 26.33 8.53 -2.32
CA GLY A 420 27.65 8.07 -1.93
C GLY A 420 27.56 6.90 -0.98
N LEU A 421 28.32 6.99 0.10
CA LEU A 421 28.46 6.02 1.17
C LEU A 421 28.19 6.84 2.46
N PRO A 422 27.65 6.26 3.57
CA PRO A 422 27.48 7.07 4.79
C PRO A 422 28.85 7.48 5.37
N SER A 423 28.87 8.41 6.35
CA SER A 423 30.12 8.89 6.99
C SER A 423 30.92 7.75 7.66
N PRO A 424 32.27 7.86 7.78
CA PRO A 424 33.05 6.80 8.47
C PRO A 424 32.59 6.58 9.91
N GLU A 425 32.07 7.64 10.57
CA GLU A 425 31.54 7.61 11.94
C GLU A 425 30.32 6.69 12.05
N ARG A 426 29.32 6.87 11.15
CA ARG A 426 28.11 6.05 11.08
C ARG A 426 28.51 4.60 10.77
N LEU A 427 29.48 4.41 9.85
CA LEU A 427 30.03 3.12 9.44
C LEU A 427 30.68 2.38 10.61
N ALA A 428 31.44 3.12 11.45
CA ALA A 428 32.14 2.60 12.64
C ALA A 428 31.17 2.05 13.67
N GLU A 429 29.93 2.60 13.73
CA GLU A 429 28.86 2.17 14.63
C GLU A 429 28.28 0.78 14.26
N LEU A 430 28.64 0.24 13.07
CA LEU A 430 28.20 -1.10 12.66
C LEU A 430 29.04 -2.19 13.32
N VAL A 431 30.17 -1.83 13.96
CA VAL A 431 31.04 -2.77 14.66
C VAL A 431 30.23 -3.42 15.77
N GLY A 432 30.21 -4.76 15.77
CA GLY A 432 29.47 -5.56 16.74
C GLY A 432 27.97 -5.62 16.55
N SER A 433 27.45 -5.11 15.41
CA SER A 433 26.00 -5.13 15.12
C SER A 433 25.41 -6.52 14.76
N THR A 434 24.09 -6.68 14.96
CA THR A 434 23.31 -7.85 14.59
C THR A 434 22.58 -7.47 13.29
N VAL A 435 22.90 -8.19 12.20
CA VAL A 435 22.33 -7.98 10.87
C VAL A 435 21.38 -9.12 10.51
N TYR A 436 20.18 -8.79 9.98
CA TYR A 436 19.23 -9.77 9.44
C TYR A 436 19.23 -9.53 7.94
N LEU A 437 19.37 -10.61 7.17
CA LEU A 437 19.25 -10.57 5.71
C LEU A 437 18.09 -11.51 5.38
N ILE A 438 17.16 -11.05 4.56
CA ILE A 438 15.99 -11.84 4.13
C ILE A 438 16.10 -12.00 2.62
N GLY A 439 16.04 -13.24 2.15
CA GLY A 439 16.09 -13.50 0.71
C GLY A 439 16.27 -14.95 0.34
N GLU A 440 16.38 -15.23 -0.98
CA GLU A 440 16.63 -16.58 -1.46
C GLU A 440 17.20 -16.62 -2.85
N HIS A 441 16.47 -16.08 -3.84
CA HIS A 441 16.95 -16.14 -5.22
CA HIS A 441 16.90 -16.08 -5.24
C HIS A 441 18.18 -15.21 -5.49
N LEU A 442 18.30 -14.06 -4.79
CA LEU A 442 19.46 -13.19 -5.03
C LEU A 442 20.71 -13.65 -4.23
N THR A 443 21.29 -14.80 -4.63
CA THR A 443 22.40 -15.49 -3.96
C THR A 443 23.69 -14.67 -3.93
N GLU A 444 24.03 -14.03 -5.06
CA GLU A 444 25.22 -13.19 -5.22
C GLU A 444 25.14 -11.97 -4.28
N HIS A 445 24.00 -11.26 -4.30
CA HIS A 445 23.71 -10.07 -3.48
C HIS A 445 23.77 -10.37 -1.98
N LEU A 446 23.18 -11.52 -1.56
CA LEU A 446 23.15 -11.94 -0.15
C LEU A 446 24.54 -12.34 0.36
N ASN A 447 25.29 -13.11 -0.47
CA ASN A 447 26.65 -13.51 -0.13
C ASN A 447 27.55 -12.23 -0.05
N LEU A 448 27.51 -11.36 -1.10
CA LEU A 448 28.29 -10.12 -1.12
C LEU A 448 27.98 -9.21 0.08
N LEU A 449 26.68 -9.02 0.40
CA LEU A 449 26.23 -8.18 1.52
C LEU A 449 26.63 -8.70 2.90
N ALA A 450 26.44 -10.02 3.17
CA ALA A 450 26.83 -10.66 4.44
C ALA A 450 28.34 -10.55 4.67
N ARG A 451 29.13 -10.70 3.59
CA ARG A 451 30.59 -10.60 3.64
C ARG A 451 31.06 -9.18 3.93
N ALA A 452 30.40 -8.17 3.34
CA ALA A 452 30.75 -6.77 3.58
C ALA A 452 30.48 -6.40 5.03
N TYR A 453 29.32 -6.83 5.57
CA TYR A 453 28.96 -6.56 6.97
C TYR A 453 29.96 -7.18 7.97
N LEU A 454 30.30 -8.47 7.80
CA LEU A 454 31.21 -9.20 8.70
C LEU A 454 32.70 -8.91 8.50
N GLU A 455 33.16 -8.83 7.24
CA GLU A 455 34.59 -8.62 6.89
C GLU A 455 35.03 -7.18 6.86
N ARG A 456 34.21 -6.27 6.29
CA ARG A 456 34.57 -4.86 6.16
C ARG A 456 34.12 -3.99 7.33
N TYR A 457 32.95 -4.27 7.93
CA TYR A 457 32.39 -3.38 8.95
C TYR A 457 32.28 -3.98 10.36
N GLY A 458 32.94 -5.10 10.58
CA GLY A 458 33.05 -5.78 11.86
C GLY A 458 31.76 -6.10 12.60
N ALA A 459 30.67 -6.37 11.85
CA ALA A 459 29.40 -6.77 12.44
C ALA A 459 29.63 -8.09 13.22
N ARG A 460 28.98 -8.24 14.39
CA ARG A 460 29.13 -9.43 15.25
C ARG A 460 28.61 -10.69 14.56
N GLN A 461 27.39 -10.61 13.96
CA GLN A 461 26.75 -11.76 13.31
C GLN A 461 25.73 -11.35 12.24
N VAL A 462 25.48 -12.27 11.28
CA VAL A 462 24.48 -12.13 10.23
C VAL A 462 23.52 -13.32 10.36
N VAL A 463 22.20 -13.02 10.46
CA VAL A 463 21.13 -14.02 10.48
C VAL A 463 20.53 -13.98 9.06
N MET A 464 20.73 -15.06 8.30
CA MET A 464 20.27 -15.26 6.92
C MET A 464 18.92 -16.00 6.93
N ILE A 465 17.83 -15.25 6.75
CA ILE A 465 16.45 -15.75 6.74
C ILE A 465 16.07 -16.03 5.29
N VAL A 466 15.99 -17.32 4.97
CA VAL A 466 15.67 -17.83 3.64
C VAL A 466 14.23 -18.38 3.61
N GLU A 467 13.75 -18.82 2.43
CA GLU A 467 12.41 -19.38 2.33
C GLU A 467 12.43 -20.90 2.54
N THR A 468 13.40 -21.61 1.90
CA THR A 468 13.46 -23.07 1.92
C THR A 468 14.81 -23.58 2.42
N GLU A 469 14.88 -24.89 2.68
CA GLU A 469 16.08 -25.63 3.11
C GLU A 469 17.13 -25.66 2.03
N THR A 470 16.69 -25.75 0.75
CA THR A 470 17.56 -25.71 -0.42
C THR A 470 18.22 -24.32 -0.47
N GLY A 471 17.46 -23.27 -0.13
CA GLY A 471 17.95 -21.89 -0.06
C GLY A 471 18.95 -21.74 1.09
N ALA A 472 18.66 -22.39 2.25
CA ALA A 472 19.53 -22.41 3.45
C ALA A 472 20.85 -23.10 3.11
N GLU A 473 20.80 -24.26 2.44
CA GLU A 473 22.00 -25.01 2.06
C GLU A 473 22.89 -24.24 1.05
N THR A 474 22.27 -23.57 0.05
CA THR A 474 22.95 -22.74 -0.96
C THR A 474 23.75 -21.64 -0.26
N MET A 475 23.14 -20.98 0.74
CA MET A 475 23.76 -19.88 1.49
C MET A 475 24.82 -20.36 2.45
N ARG A 476 24.58 -21.47 3.16
CA ARG A 476 25.55 -22.06 4.08
C ARG A 476 26.83 -22.49 3.33
N ARG A 477 26.69 -22.94 2.06
CA ARG A 477 27.82 -23.35 1.22
C ARG A 477 28.60 -22.10 0.74
N LEU A 478 27.90 -21.10 0.20
CA LEU A 478 28.50 -19.84 -0.27
C LEU A 478 29.24 -19.09 0.86
N LEU A 479 28.76 -19.24 2.12
CA LEU A 479 29.28 -18.56 3.31
C LEU A 479 29.84 -19.53 4.38
N HIS A 480 30.35 -20.69 3.92
CA HIS A 480 30.90 -21.81 4.71
C HIS A 480 31.83 -21.37 5.85
N ASP A 481 32.78 -20.45 5.55
CA ASP A 481 33.76 -19.93 6.51
C ASP A 481 33.10 -19.20 7.68
N HIS A 482 32.12 -18.31 7.39
CA HIS A 482 31.39 -17.58 8.40
C HIS A 482 30.42 -18.48 9.16
N VAL A 483 29.92 -19.54 8.50
CA VAL A 483 29.03 -20.52 9.16
C VAL A 483 29.83 -21.27 10.24
N GLU A 484 31.00 -21.85 9.87
CA GLU A 484 31.91 -22.57 10.77
C GLU A 484 32.42 -21.71 11.93
N ALA A 485 32.62 -20.40 11.70
CA ALA A 485 33.06 -19.46 12.72
C ALA A 485 31.94 -18.99 13.68
N GLY A 486 30.69 -19.37 13.36
CA GLY A 486 29.52 -18.99 14.14
C GLY A 486 29.10 -17.56 13.88
N ARG A 487 29.57 -16.97 12.77
CA ARG A 487 29.25 -15.58 12.37
C ARG A 487 28.00 -15.50 11.48
N LEU A 488 27.61 -16.61 10.82
CA LEU A 488 26.42 -16.64 9.95
C LEU A 488 25.46 -17.77 10.33
N MET A 489 24.23 -17.39 10.74
CA MET A 489 23.13 -18.27 11.15
C MET A 489 22.07 -18.28 10.04
N THR A 490 21.39 -19.40 9.86
CA THR A 490 20.35 -19.50 8.85
C THR A 490 19.05 -19.92 9.47
N ILE A 491 17.95 -19.33 8.99
CA ILE A 491 16.58 -19.63 9.43
C ILE A 491 15.72 -19.86 8.17
N VAL A 492 14.92 -20.93 8.16
CA VAL A 492 14.03 -21.27 7.03
C VAL A 492 12.62 -20.76 7.38
N ALA A 493 12.17 -19.70 6.70
CA ALA A 493 10.91 -19.01 6.98
C ALA A 493 9.63 -19.63 6.41
N GLY A 494 9.71 -20.24 5.22
CA GLY A 494 8.54 -20.74 4.50
C GLY A 494 7.60 -19.59 4.24
N ASP A 495 6.28 -19.78 4.49
CA ASP A 495 5.34 -18.66 4.36
C ASP A 495 5.03 -18.07 5.76
N GLN A 496 5.95 -18.27 6.73
CA GLN A 496 5.81 -17.78 8.11
C GLN A 496 6.95 -16.83 8.45
N ILE A 497 7.12 -15.76 7.65
CA ILE A 497 8.20 -14.80 7.86
C ILE A 497 8.13 -14.12 9.28
N GLU A 498 6.93 -13.76 9.81
CA GLU A 498 6.85 -13.10 11.13
C GLU A 498 7.36 -14.00 12.24
N ALA A 499 6.92 -15.29 12.26
CA ALA A 499 7.39 -16.25 13.25
C ALA A 499 8.90 -16.49 13.07
N ALA A 500 9.41 -16.47 11.83
CA ALA A 500 10.85 -16.66 11.60
C ALA A 500 11.68 -15.50 12.19
N ILE A 501 11.14 -14.26 12.14
CA ILE A 501 11.78 -13.06 12.68
C ILE A 501 11.77 -13.17 14.21
N ASP A 502 10.69 -13.74 14.78
CA ASP A 502 10.57 -13.98 16.22
C ASP A 502 11.59 -15.00 16.69
N GLN A 503 11.86 -16.02 15.85
CA GLN A 503 12.88 -17.05 16.14
C GLN A 503 14.26 -16.39 16.13
N ALA A 504 14.52 -15.54 15.13
CA ALA A 504 15.76 -14.76 15.03
C ALA A 504 16.02 -13.91 16.31
N ILE A 505 14.96 -13.21 16.83
CA ILE A 505 15.00 -12.35 18.02
C ILE A 505 15.36 -13.12 19.28
N THR A 506 14.61 -14.20 19.61
CA THR A 506 14.86 -15.03 20.78
C THR A 506 16.25 -15.67 20.73
N ARG A 507 16.61 -16.25 19.58
CA ARG A 507 17.87 -16.98 19.43
C ARG A 507 19.12 -16.13 19.27
N TYR A 508 19.07 -15.00 18.53
CA TYR A 508 20.29 -14.23 18.25
C TYR A 508 20.25 -12.75 18.66
N GLY A 509 19.11 -12.29 19.17
CA GLY A 509 18.94 -10.91 19.59
C GLY A 509 18.33 -10.03 18.52
N ARG A 510 17.77 -8.89 18.94
CA ARG A 510 17.14 -7.91 18.08
C ARG A 510 18.11 -7.35 17.02
N PRO A 511 17.64 -7.02 15.80
CA PRO A 511 18.58 -6.54 14.76
C PRO A 511 18.80 -5.03 14.72
N GLY A 512 19.90 -4.63 14.09
CA GLY A 512 20.22 -3.26 13.72
C GLY A 512 19.79 -3.18 12.25
N PRO A 513 20.69 -3.47 11.29
CA PRO A 513 20.29 -3.51 9.86
C PRO A 513 19.40 -4.71 9.50
N VAL A 514 18.34 -4.47 8.72
CA VAL A 514 17.45 -5.50 8.20
C VAL A 514 17.35 -5.27 6.69
N VAL A 515 17.87 -6.21 5.89
CA VAL A 515 17.79 -6.10 4.42
C VAL A 515 16.77 -7.11 3.93
N CYS A 516 15.63 -6.60 3.43
CA CYS A 516 14.53 -7.43 2.92
C CYS A 516 14.56 -7.49 1.40
N THR A 517 15.00 -8.64 0.86
CA THR A 517 15.04 -8.91 -0.58
C THR A 517 13.90 -9.93 -0.89
N PRO A 518 13.35 -9.94 -2.13
CA PRO A 518 12.32 -10.95 -2.45
C PRO A 518 12.88 -12.36 -2.48
N PHE A 519 12.09 -13.32 -2.00
CA PHE A 519 12.45 -14.72 -2.00
C PHE A 519 12.42 -15.24 -3.45
N ARG A 520 11.42 -14.78 -4.23
CA ARG A 520 11.20 -15.26 -5.61
C ARG A 520 11.69 -14.35 -6.72
N PRO A 521 12.13 -14.94 -7.87
CA PRO A 521 12.42 -14.08 -9.03
C PRO A 521 11.09 -13.70 -9.72
N LEU A 522 11.17 -12.80 -10.70
CA LEU A 522 10.05 -12.41 -11.53
C LEU A 522 9.73 -13.46 -12.60
N PRO A 523 8.44 -13.67 -12.96
CA PRO A 523 8.14 -14.68 -14.01
C PRO A 523 8.58 -14.24 -15.41
N THR A 524 8.74 -15.19 -16.33
CA THR A 524 9.19 -14.96 -17.70
C THR A 524 8.12 -15.45 -18.67
N VAL A 525 6.90 -14.94 -18.54
CA VAL A 525 5.77 -15.33 -19.40
C VAL A 525 5.32 -14.14 -20.26
N PRO A 526 4.62 -14.35 -21.41
CA PRO A 526 4.14 -13.20 -22.20
C PRO A 526 3.11 -12.36 -21.40
N LEU A 527 3.05 -11.06 -21.70
CA LEU A 527 2.13 -10.16 -21.01
C LEU A 527 0.87 -9.86 -21.82
N VAL A 528 0.92 -10.15 -23.12
CA VAL A 528 -0.14 -10.02 -24.11
C VAL A 528 -0.01 -11.18 -25.08
N GLY A 529 -1.11 -11.53 -25.72
CA GLY A 529 -1.11 -12.60 -26.70
C GLY A 529 -1.17 -12.05 -28.10
N ARG A 530 -0.90 -12.94 -29.07
CA ARG A 530 -0.97 -12.65 -30.50
C ARG A 530 -2.44 -12.45 -30.85
N LYS A 531 -2.73 -11.60 -31.84
CA LYS A 531 -4.09 -11.22 -32.28
C LYS A 531 -5.06 -12.39 -32.43
N ASP A 532 -4.62 -13.50 -33.07
CA ASP A 532 -5.44 -14.68 -33.32
C ASP A 532 -5.22 -15.81 -32.29
N SER A 533 -4.39 -15.58 -31.26
CA SER A 533 -4.12 -16.62 -30.26
C SER A 533 -5.22 -16.72 -29.19
N ASP A 534 -5.18 -17.82 -28.42
CA ASP A 534 -6.10 -18.09 -27.31
C ASP A 534 -5.66 -17.38 -26.02
N TRP A 535 -4.41 -16.81 -26.01
CA TRP A 535 -3.78 -16.10 -24.88
C TRP A 535 -3.51 -17.07 -23.72
N SER A 536 -3.42 -18.38 -24.01
CA SER A 536 -3.26 -19.42 -22.99
C SER A 536 -1.93 -19.39 -22.23
N THR A 537 -0.87 -18.83 -22.84
CA THR A 537 0.48 -18.75 -22.22
C THR A 537 0.69 -17.43 -21.47
N VAL A 538 -0.19 -16.43 -21.72
CA VAL A 538 -0.14 -15.09 -21.12
C VAL A 538 -0.30 -15.16 -19.60
N LEU A 539 0.47 -14.36 -18.85
CA LEU A 539 0.40 -14.22 -17.38
C LEU A 539 -1.07 -14.31 -16.93
N SER A 540 -1.40 -15.36 -16.15
CA SER A 540 -2.77 -15.56 -15.71
C SER A 540 -3.15 -14.59 -14.56
N GLU A 541 -4.46 -14.56 -14.21
CA GLU A 541 -5.02 -13.74 -13.13
C GLU A 541 -4.48 -14.23 -11.78
N ALA A 542 -4.30 -15.58 -11.65
CA ALA A 542 -3.73 -16.20 -10.47
C ALA A 542 -2.23 -15.86 -10.38
N GLU A 543 -1.51 -15.88 -11.51
CA GLU A 543 -0.07 -15.54 -11.54
C GLU A 543 0.19 -14.07 -11.17
N PHE A 544 -0.74 -13.17 -11.52
CA PHE A 544 -0.60 -11.75 -11.20
C PHE A 544 -0.80 -11.56 -9.66
N ALA A 545 -1.76 -12.30 -9.05
CA ALA A 545 -2.00 -12.28 -7.61
C ALA A 545 -0.72 -12.76 -6.88
N GLU A 546 -0.05 -13.76 -7.45
CA GLU A 546 1.20 -14.36 -6.94
C GLU A 546 2.35 -13.39 -7.03
N LEU A 547 2.41 -12.61 -8.12
CA LEU A 547 3.43 -11.55 -8.29
C LEU A 547 3.28 -10.57 -7.12
N CYS A 548 2.05 -10.11 -6.86
CA CYS A 548 1.74 -9.18 -5.78
C CYS A 548 2.09 -9.78 -4.42
N GLU A 549 1.77 -11.10 -4.16
CA GLU A 549 2.11 -11.78 -2.93
C GLU A 549 3.61 -11.81 -2.65
N HIS A 550 4.41 -12.26 -3.63
CA HIS A 550 5.86 -12.37 -3.50
C HIS A 550 6.63 -11.05 -3.59
N GLN A 551 6.15 -10.08 -4.36
CA GLN A 551 6.88 -8.82 -4.62
C GLN A 551 6.35 -7.57 -3.88
N LEU A 552 5.15 -7.64 -3.28
CA LEU A 552 4.57 -6.53 -2.51
C LEU A 552 4.23 -6.98 -1.06
N THR A 553 3.36 -8.01 -0.89
CA THR A 553 2.92 -8.50 0.42
C THR A 553 4.10 -8.94 1.28
N HIS A 554 5.10 -9.57 0.64
CA HIS A 554 6.34 -10.01 1.28
C HIS A 554 6.99 -8.88 2.08
N HIS A 555 7.23 -7.69 1.42
CA HIS A 555 7.84 -6.57 2.10
C HIS A 555 6.89 -5.97 3.13
N PHE A 556 5.57 -5.93 2.82
CA PHE A 556 4.59 -5.34 3.74
C PHE A 556 4.63 -6.08 5.09
N ARG A 557 4.64 -7.44 5.04
CA ARG A 557 4.66 -8.33 6.21
C ARG A 557 5.89 -8.10 7.10
N VAL A 558 7.06 -8.05 6.46
CA VAL A 558 8.35 -7.79 7.11
C VAL A 558 8.33 -6.40 7.76
N ALA A 559 7.93 -5.36 7.00
CA ALA A 559 7.89 -3.98 7.51
C ALA A 559 6.92 -3.81 8.67
N ARG A 560 5.76 -4.47 8.60
CA ARG A 560 4.73 -4.43 9.64
C ARG A 560 5.28 -4.97 10.98
N TRP A 561 6.07 -6.05 10.90
CA TRP A 561 6.68 -6.69 12.07
C TRP A 561 7.91 -5.94 12.57
N ILE A 562 8.80 -5.55 11.65
CA ILE A 562 10.05 -4.85 11.99
C ILE A 562 9.80 -3.44 12.55
N ALA A 563 8.63 -2.80 12.23
CA ALA A 563 8.31 -1.45 12.72
C ALA A 563 8.20 -1.35 14.26
N LEU A 564 8.00 -2.48 14.95
CA LEU A 564 7.91 -2.50 16.40
C LEU A 564 9.23 -2.99 17.07
N SER A 565 10.27 -3.27 16.26
CA SER A 565 11.58 -3.73 16.73
C SER A 565 12.45 -2.49 16.92
N ASP A 566 12.62 -2.06 18.20
CA ASP A 566 13.40 -0.88 18.55
C ASP A 566 14.85 -0.96 18.05
N GLY A 567 15.33 0.09 17.38
CA GLY A 567 16.68 0.16 16.85
C GLY A 567 16.90 -0.37 15.44
N ALA A 568 15.86 -0.95 14.81
CA ALA A 568 15.97 -1.51 13.45
C ALA A 568 16.05 -0.46 12.34
N ARG A 569 16.81 -0.76 11.29
CA ARG A 569 16.89 0.08 10.09
C ARG A 569 16.67 -0.86 8.91
N LEU A 570 15.49 -0.75 8.31
CA LEU A 570 14.99 -1.64 7.28
C LEU A 570 15.15 -1.11 5.87
N ALA A 571 15.73 -1.96 5.00
CA ALA A 571 15.90 -1.70 3.59
C ALA A 571 15.01 -2.68 2.83
N LEU A 572 14.06 -2.14 2.05
CA LEU A 572 13.16 -2.94 1.20
C LEU A 572 13.78 -2.94 -0.18
N VAL A 573 14.18 -4.12 -0.65
CA VAL A 573 14.86 -4.29 -1.93
C VAL A 573 13.92 -4.88 -2.98
N THR A 574 13.83 -4.21 -4.14
CA THR A 574 13.00 -4.64 -5.25
C THR A 574 13.71 -5.68 -6.17
N PRO A 575 12.97 -6.36 -7.10
CA PRO A 575 13.63 -7.35 -7.99
C PRO A 575 14.75 -6.78 -8.82
N GLU A 576 15.61 -7.65 -9.33
CA GLU A 576 16.73 -7.26 -10.14
C GLU A 576 16.43 -7.31 -11.65
N THR A 577 16.81 -6.25 -12.40
CA THR A 577 16.78 -6.26 -13.86
C THR A 577 18.25 -6.22 -14.31
N THR A 578 18.55 -6.89 -15.45
CA THR A 578 19.89 -6.95 -16.02
C THR A 578 19.81 -6.61 -17.50
N ALA A 579 20.98 -6.54 -18.18
CA ALA A 579 21.07 -6.27 -19.62
C ALA A 579 20.46 -7.42 -20.47
N THR A 580 20.18 -8.59 -19.84
CA THR A 580 19.63 -9.79 -20.47
C THR A 580 18.22 -10.18 -19.97
N SER A 581 17.62 -9.38 -19.04
CA SER A 581 16.26 -9.60 -18.55
C SER A 581 15.30 -9.47 -19.73
N THR A 582 14.21 -10.24 -19.75
CA THR A 582 13.23 -10.15 -20.83
C THR A 582 12.48 -8.83 -20.72
N THR A 583 11.85 -8.36 -21.82
CA THR A 583 11.08 -7.11 -21.84
C THR A 583 9.88 -7.19 -20.85
N GLU A 584 9.34 -8.41 -20.65
CA GLU A 584 8.24 -8.68 -19.72
C GLU A 584 8.74 -8.51 -18.28
N GLN A 585 10.00 -8.95 -18.00
CA GLN A 585 10.63 -8.80 -16.69
C GLN A 585 10.83 -7.33 -16.38
N PHE A 586 11.28 -6.56 -17.37
CA PHE A 586 11.45 -5.13 -17.21
C PHE A 586 10.12 -4.48 -16.83
N ALA A 587 9.02 -4.83 -17.55
CA ALA A 587 7.67 -4.29 -17.26
C ALA A 587 7.21 -4.61 -15.82
N LEU A 588 7.25 -5.89 -15.41
CA LEU A 588 6.83 -6.31 -14.08
C LEU A 588 7.71 -5.75 -12.96
N ALA A 589 9.01 -5.65 -13.20
CA ALA A 589 9.94 -5.08 -12.21
C ALA A 589 9.67 -3.58 -11.99
N ASN A 590 9.40 -2.84 -13.08
CA ASN A 590 9.07 -1.42 -13.00
C ASN A 590 7.69 -1.20 -12.39
N PHE A 591 6.75 -2.16 -12.63
CA PHE A 591 5.44 -2.13 -12.01
C PHE A 591 5.63 -2.21 -10.48
N ILE A 592 6.46 -3.16 -10.00
CA ILE A 592 6.74 -3.40 -8.57
C ILE A 592 7.40 -2.19 -7.92
N LYS A 593 8.48 -1.69 -8.55
CA LYS A 593 9.26 -0.54 -8.09
C LYS A 593 8.34 0.62 -7.67
N THR A 594 7.45 1.01 -8.58
CA THR A 594 6.53 2.13 -8.41
C THR A 594 5.47 1.87 -7.35
N THR A 595 4.88 0.68 -7.40
CA THR A 595 3.84 0.30 -6.45
C THR A 595 4.40 0.28 -5.01
N LEU A 596 5.63 -0.26 -4.83
CA LEU A 596 6.29 -0.31 -3.53
C LEU A 596 6.71 1.06 -3.00
N HIS A 597 7.05 2.04 -3.88
CA HIS A 597 7.43 3.37 -3.40
C HIS A 597 6.27 3.95 -2.56
N ALA A 598 5.02 3.75 -2.98
CA ALA A 598 3.82 4.22 -2.26
C ALA A 598 3.82 3.67 -0.85
N PHE A 599 4.15 2.36 -0.69
CA PHE A 599 4.18 1.71 0.61
C PHE A 599 5.32 2.29 1.44
N THR A 600 6.55 2.28 0.91
CA THR A 600 7.73 2.80 1.60
C THR A 600 7.51 4.24 2.11
N ALA A 601 6.94 5.10 1.27
CA ALA A 601 6.71 6.52 1.61
C ALA A 601 5.65 6.65 2.71
N THR A 602 4.59 5.81 2.68
CA THR A 602 3.52 5.86 3.65
C THR A 602 4.00 5.39 5.03
N ILE A 603 4.62 4.20 5.09
CA ILE A 603 5.14 3.65 6.34
C ILE A 603 6.28 4.53 6.88
N GLY A 604 7.02 5.18 5.98
CA GLY A 604 8.07 6.13 6.35
C GLY A 604 7.54 7.24 7.27
N VAL A 605 6.35 7.79 6.94
CA VAL A 605 5.65 8.83 7.70
C VAL A 605 5.01 8.21 8.96
N GLU A 606 4.36 7.03 8.82
CA GLU A 606 3.75 6.35 9.96
C GLU A 606 4.73 6.07 11.10
N SER A 607 6.00 5.70 10.80
CA SER A 607 7.07 5.40 11.78
C SER A 607 7.29 6.52 12.81
N GLU A 608 7.19 7.80 12.39
CA GLU A 608 7.35 8.99 13.26
C GLU A 608 6.27 9.05 14.36
N ARG A 609 5.12 8.38 14.14
CA ARG A 609 4.01 8.36 15.08
C ARG A 609 4.18 7.30 16.18
N THR A 610 5.18 6.40 16.05
CA THR A 610 5.46 5.33 17.01
C THR A 610 6.64 5.66 17.92
N ALA A 611 6.77 4.96 19.07
CA ALA A 611 7.87 5.16 20.01
C ALA A 611 9.18 4.57 19.51
N GLN A 612 9.11 3.50 18.69
CA GLN A 612 10.31 2.85 18.14
C GLN A 612 10.99 3.72 17.07
N ARG A 613 10.16 4.43 16.23
CA ARG A 613 10.59 5.36 15.16
C ARG A 613 11.74 4.81 14.27
N ILE A 614 11.66 3.53 13.89
CA ILE A 614 12.67 2.86 13.06
C ILE A 614 12.85 3.54 11.66
N LEU A 615 13.94 3.24 10.95
CA LEU A 615 14.12 3.76 9.59
C LEU A 615 13.65 2.70 8.60
N ILE A 616 12.89 3.10 7.56
CA ILE A 616 12.40 2.22 6.48
C ILE A 616 12.64 2.97 5.17
N ASN A 617 13.41 2.35 4.25
CA ASN A 617 13.74 2.95 2.96
C ASN A 617 13.81 1.85 1.91
N GLN A 618 13.88 2.23 0.63
CA GLN A 618 13.86 1.31 -0.49
C GLN A 618 15.12 1.42 -1.35
N VAL A 619 15.70 0.27 -1.70
CA VAL A 619 16.89 0.15 -2.56
C VAL A 619 16.40 -0.60 -3.80
N ASP A 620 16.45 0.07 -4.97
CA ASP A 620 15.95 -0.51 -6.22
C ASP A 620 17.05 -1.12 -7.11
N LEU A 621 16.87 -2.40 -7.49
CA LEU A 621 17.75 -3.21 -8.34
C LEU A 621 17.14 -3.27 -9.75
N THR A 622 16.02 -2.56 -9.92
CA THR A 622 15.28 -2.42 -11.19
C THR A 622 15.56 -1.04 -11.82
N ARG A 623 15.76 -1.01 -13.16
CA ARG A 623 15.92 0.19 -13.97
C ARG A 623 14.88 0.19 -15.09
N ARG A 624 14.58 1.38 -15.63
CA ARG A 624 13.60 1.60 -16.69
C ARG A 624 14.07 1.12 -18.05
N ALA A 625 15.35 1.36 -18.38
CA ALA A 625 15.89 1.00 -19.69
C ALA A 625 17.04 0.01 -19.63
N ARG A 626 17.06 -0.91 -20.61
CA ARG A 626 18.08 -1.93 -20.81
C ARG A 626 19.44 -1.27 -21.03
N ALA A 627 19.47 -0.16 -21.81
CA ALA A 627 20.66 0.62 -22.15
C ALA A 627 21.50 1.10 -20.94
N GLU A 628 20.84 1.33 -19.80
CA GLU A 628 21.42 1.80 -18.53
C GLU A 628 22.12 0.69 -17.73
N GLU A 629 21.81 -0.57 -18.05
CA GLU A 629 22.36 -1.75 -17.37
C GLU A 629 23.86 -1.98 -17.68
N PRO A 630 24.62 -2.58 -16.73
CA PRO A 630 26.03 -2.90 -16.99
C PRO A 630 26.13 -3.94 -18.12
N ARG A 631 27.13 -3.78 -19.00
CA ARG A 631 27.34 -4.66 -20.17
C ARG A 631 28.57 -5.57 -20.08
N ASP A 632 29.55 -5.27 -19.18
CA ASP A 632 30.77 -6.07 -19.05
C ASP A 632 31.09 -6.43 -17.57
N PRO A 633 32.08 -7.31 -17.24
CA PRO A 633 32.34 -7.66 -15.83
C PRO A 633 32.76 -6.52 -14.90
N HIS A 634 33.47 -5.51 -15.45
CA HIS A 634 33.90 -4.34 -14.70
C HIS A 634 32.66 -3.51 -14.30
N GLU A 635 31.78 -3.24 -15.27
CA GLU A 635 30.53 -2.50 -15.03
C GLU A 635 29.63 -3.25 -14.07
N ARG A 636 29.64 -4.60 -14.13
CA ARG A 636 28.87 -5.43 -13.21
C ARG A 636 29.41 -5.28 -11.77
N GLN A 637 30.75 -5.28 -11.61
CA GLN A 637 31.33 -5.12 -10.27
C GLN A 637 31.06 -3.72 -9.70
N GLN A 638 31.05 -2.67 -10.56
CA GLN A 638 30.69 -1.30 -10.16
C GLN A 638 29.25 -1.26 -9.63
N GLU A 639 28.31 -1.94 -10.36
CA GLU A 639 26.90 -2.05 -9.99
C GLU A 639 26.73 -2.73 -8.64
N LEU A 640 27.48 -3.81 -8.40
CA LEU A 640 27.44 -4.61 -7.18
C LEU A 640 28.00 -3.81 -5.96
N GLU A 641 29.03 -2.96 -6.20
CA GLU A 641 29.60 -2.08 -5.19
C GLU A 641 28.59 -0.98 -4.82
N ARG A 642 27.85 -0.46 -5.82
CA ARG A 642 26.79 0.54 -5.63
C ARG A 642 25.66 -0.04 -4.78
N PHE A 643 25.33 -1.33 -4.99
CA PHE A 643 24.32 -2.01 -4.19
C PHE A 643 24.71 -1.98 -2.70
N ILE A 644 25.99 -2.34 -2.36
CA ILE A 644 26.55 -2.32 -0.98
C ILE A 644 26.46 -0.93 -0.37
N GLU A 645 26.89 0.11 -1.13
CA GLU A 645 26.86 1.50 -0.68
C GLU A 645 25.44 1.98 -0.39
N ALA A 646 24.47 1.63 -1.27
CA ALA A 646 23.07 2.01 -1.13
C ALA A 646 22.46 1.38 0.12
N VAL A 647 22.72 0.09 0.34
CA VAL A 647 22.22 -0.63 1.52
C VAL A 647 22.86 -0.05 2.81
N LEU A 648 24.18 0.24 2.78
CA LEU A 648 24.86 0.86 3.94
C LEU A 648 24.30 2.24 4.29
N LEU A 649 23.97 3.04 3.26
CA LEU A 649 23.42 4.38 3.42
C LEU A 649 22.09 4.39 4.20
N VAL A 650 21.26 3.35 4.01
CA VAL A 650 19.96 3.22 4.66
C VAL A 650 20.00 2.33 5.94
N THR A 651 21.08 1.56 6.15
CA THR A 651 21.17 0.70 7.32
C THR A 651 22.20 1.16 8.37
N ALA A 652 23.07 2.16 8.05
CA ALA A 652 24.01 2.66 9.08
C ALA A 652 23.17 3.42 10.12
N PRO A 653 23.54 3.37 11.41
CA PRO A 653 22.68 4.01 12.42
C PRO A 653 22.70 5.53 12.37
N LEU A 654 21.51 6.13 12.54
CA LEU A 654 21.34 7.56 12.64
C LEU A 654 21.32 7.84 14.17
N PRO A 655 22.41 8.44 14.72
CA PRO A 655 22.46 8.69 16.18
C PRO A 655 21.26 9.46 16.75
N PRO A 656 20.82 9.14 18.01
CA PRO A 656 19.66 9.86 18.60
C PRO A 656 19.73 11.38 18.51
N GLU A 657 20.92 11.95 18.76
CA GLU A 657 21.22 13.39 18.68
C GLU A 657 20.95 13.96 17.29
N ALA A 658 21.26 13.18 16.23
CA ALA A 658 21.10 13.55 14.84
C ALA A 658 19.68 13.40 14.32
N ASP A 659 18.85 12.57 14.98
CA ASP A 659 17.46 12.31 14.54
C ASP A 659 16.49 13.47 14.86
N THR A 660 16.76 14.63 14.27
CA THR A 660 15.97 15.84 14.42
C THR A 660 14.71 15.74 13.52
N ARG A 661 13.77 16.69 13.67
CA ARG A 661 12.57 16.73 12.84
C ARG A 661 12.99 16.87 11.35
N TYR A 662 14.00 17.73 11.08
CA TYR A 662 14.58 18.00 9.77
C TYR A 662 15.24 16.77 9.12
N ALA A 663 16.24 16.17 9.80
CA ALA A 663 17.04 15.04 9.32
C ALA A 663 16.32 13.69 9.38
N GLY A 664 15.30 13.60 10.23
CA GLY A 664 14.52 12.37 10.42
C GLY A 664 13.72 11.97 9.20
N ARG A 665 12.98 12.94 8.62
CA ARG A 665 12.14 12.66 7.44
C ARG A 665 13.01 12.40 6.17
N ILE A 666 14.24 12.98 6.12
CA ILE A 666 15.23 12.78 5.05
C ILE A 666 15.68 11.30 5.02
N HIS A 667 15.82 10.67 6.21
CA HIS A 667 16.24 9.27 6.37
C HIS A 667 15.08 8.25 6.44
N ARG A 668 13.86 8.62 6.02
CA ARG A 668 12.71 7.69 6.03
C ARG A 668 11.88 7.81 4.75
N GLY A 669 11.38 6.67 4.26
CA GLY A 669 10.54 6.58 3.08
C GLY A 669 11.17 6.96 1.75
N ARG A 670 12.51 6.91 1.64
CA ARG A 670 13.21 7.26 0.39
C ARG A 670 13.46 6.01 -0.42
N ALA A 671 13.66 6.19 -1.73
CA ALA A 671 13.99 5.09 -2.64
C ALA A 671 15.19 5.54 -3.49
N ILE A 672 16.23 4.70 -3.53
CA ILE A 672 17.42 4.97 -4.36
C ILE A 672 17.62 3.87 -5.36
N THR A 673 18.07 4.24 -6.58
CA THR A 673 18.31 3.29 -7.67
C THR A 673 19.78 2.91 -7.82
N VAL A 674 20.06 1.60 -7.77
CA VAL A 674 21.41 1.07 -7.96
C VAL A 674 21.74 1.09 -9.49
PA NAP B . -17.88 5.16 -3.80
O1A NAP B . -18.94 6.19 -3.72
O2A NAP B . -17.48 4.38 -2.56
O5B NAP B . -18.26 4.04 -4.88
C5B NAP B . -19.31 3.16 -4.49
C4B NAP B . -19.66 2.32 -5.70
O4B NAP B . -18.74 1.21 -5.79
C3B NAP B . -21.05 1.71 -5.64
O3B NAP B . -21.51 1.35 -6.94
C2B NAP B . -20.74 0.47 -4.84
O2B NAP B . -21.86 -0.45 -4.85
C1B NAP B . -19.46 0.02 -5.53
N9A NAP B . -18.63 -0.92 -4.77
C8A NAP B . -18.13 -0.77 -3.51
N7A NAP B . -17.44 -1.80 -3.08
C5A NAP B . -17.49 -2.69 -4.14
C6A NAP B . -16.95 -3.98 -4.33
N6A NAP B . -16.29 -4.66 -3.39
N1A NAP B . -17.15 -4.58 -5.53
C2A NAP B . -17.85 -3.93 -6.46
N3A NAP B . -18.42 -2.72 -6.39
C4A NAP B . -18.21 -2.15 -5.20
O3 NAP B . -16.54 5.73 -4.43
PN NAP B . -16.24 6.90 -5.46
O1N NAP B . -16.02 8.14 -4.69
O2N NAP B . -17.25 6.89 -6.54
O5D NAP B . -14.86 6.35 -6.02
C5D NAP B . -14.76 5.61 -7.25
C4D NAP B . -13.29 5.46 -7.56
O4D NAP B . -12.64 6.75 -7.52
C3D NAP B . -12.50 4.54 -6.63
O3D NAP B . -11.60 3.74 -7.38
C2D NAP B . -11.75 5.53 -5.71
O2D NAP B . -10.54 4.93 -5.25
C1D NAP B . -11.51 6.68 -6.69
N1N NAP B . -11.21 8.07 -6.14
C2N NAP B . -12.16 8.68 -5.39
C3N NAP B . -11.94 9.96 -4.90
C7N NAP B . -12.97 10.65 -4.04
O7N NAP B . -12.69 11.72 -3.46
N7N NAP B . -14.14 10.07 -3.87
C4N NAP B . -10.75 10.61 -5.23
C5N NAP B . -9.80 9.96 -6.02
C6N NAP B . -10.05 8.67 -6.46
P2B NAP B . -21.97 -1.65 -3.83
O1X NAP B . -21.69 -1.25 -2.42
O2X NAP B . -23.39 -2.15 -4.06
O3X NAP B . -21.03 -2.71 -4.34
C1 MLA C . -9.20 9.50 -2.48
O1A MLA C . -8.96 10.67 -2.31
O1B MLA C . -8.45 8.71 -3.23
C2 MLA C . -10.40 8.83 -1.86
C3 MLA C . -10.03 8.03 -0.64
O3A MLA C . -10.71 6.95 -0.45
O3B MLA C . -9.15 8.39 0.11
#